data_6IJB
#
_entry.id   6IJB
#
_cell.length_a   65.467
_cell.length_b   122.572
_cell.length_c   74.260
_cell.angle_alpha   90.00
_cell.angle_beta   93.11
_cell.angle_gamma   90.00
#
_symmetry.space_group_name_H-M   'P 1 21 1'
#
loop_
_entity.id
_entity.type
_entity.pdbx_description
1 polymer 'AMP-binding domain protein'
2 non-polymer 'ADENOSINE MONOPHOSPHATE'
3 non-polymer 2-[3-(2-HYDROXY-1,1-DIHYDROXYMETHYL-ETHYLAMINO)-PROPYLAMINO]-2-HYDROXYMETHYL-PROPANE-1,3-DIOL
4 non-polymer '3-(methylsulfanyl)propanoic acid'
5 water water
#
_entity_poly.entity_id   1
_entity_poly.type   'polypeptide(L)'
_entity_poly.pdbx_seq_one_letter_code
;MLGQMMTQPLLISSLIDHAARYHGQTEIVSVETDGTVTRTNWGEIAANARRMGSALTKLGLQPQDRIGTLAWNNRRHLEI
YYAASGAGFVCHTINPRLFPEQLVYIINHAQDRVLFFDATFLPLVAAIRDQLTEVKHFVLMGPRNEDALQQIPGLEFYDE
LIETGDTDFEWPVFDENTASSLCYTSGTTGHPKGVLYSHRSTVLHSFASNTRDVIGYSAMDVVMPVVPMFHVNAWGSPYG
CAMSGAQMVLPGPDLHGEALVNLIDTYGVTLAMGVPTIWQGLLAHAAKCGTKLESLERTVIGGAACPPSMIATFREKYGV
DTVHAWGMSEMSPLGTANIPLAKHRKLPIEEQHKLRENQGRPPFGVELKIVDDDGNDLPHDGVTQGDLMVRGHWVLDSYF
QLKDQELLQDGWFATGDVATLDPDGYMTIRDRSKDIIKSGGEWISSVELENIAVAHPKLATAAVIGVPHPKWDERPLLVA
VKAEGEDPSEAELLEFFDGKIAKWQVPDKVVFVDALPLNATGAVLKRKLRDEFKDALTG
;
_entity_poly.pdbx_strand_id   A,B
#
loop_
_chem_comp.id
_chem_comp.type
_chem_comp.name
_chem_comp.formula
A8C non-polymer '3-(methylsulfanyl)propanoic acid' 'C4 H8 O2 S'
AMP non-polymer 'ADENOSINE MONOPHOSPHATE' 'C10 H14 N5 O7 P'
B3P non-polymer 2-[3-(2-HYDROXY-1,1-DIHYDROXYMETHYL-ETHYLAMINO)-PROPYLAMINO]-2-HYDROXYMETHYL-PROPANE-1,3-DIOL 'C11 H26 N2 O6'
#
# COMPACT_ATOMS: atom_id res chain seq x y z
N MET A 1 -24.04 -4.85 -12.28
CA MET A 1 -23.08 -4.96 -13.38
C MET A 1 -21.66 -4.98 -12.83
N LEU A 2 -20.91 -6.01 -13.21
CA LEU A 2 -19.53 -6.17 -12.77
C LEU A 2 -18.59 -5.43 -13.70
N GLY A 3 -17.43 -5.05 -13.19
CA GLY A 3 -16.40 -4.50 -14.04
C GLY A 3 -15.89 -5.55 -14.99
N GLN A 4 -14.96 -5.19 -15.87
CA GLN A 4 -14.45 -6.14 -16.84
C GLN A 4 -12.93 -6.17 -16.81
N MET A 5 -12.39 -6.21 -15.59
CA MET A 5 -10.96 -6.38 -15.40
C MET A 5 -10.66 -7.85 -15.17
N MET A 6 -9.43 -8.25 -15.48
CA MET A 6 -8.94 -9.56 -15.02
C MET A 6 -9.03 -9.67 -13.51
N THR A 7 -9.51 -10.80 -13.02
CA THR A 7 -9.61 -11.01 -11.58
C THR A 7 -8.84 -12.27 -11.23
N GLN A 8 -7.84 -12.13 -10.37
CA GLN A 8 -7.07 -13.24 -9.82
C GLN A 8 -7.14 -13.21 -8.31
N PRO A 9 -7.08 -14.38 -7.66
CA PRO A 9 -7.06 -14.39 -6.19
C PRO A 9 -5.79 -13.76 -5.65
N LEU A 10 -5.91 -13.19 -4.47
CA LEU A 10 -4.75 -12.64 -3.75
C LEU A 10 -4.14 -13.78 -2.95
N LEU A 11 -3.17 -14.49 -3.55
CA LEU A 11 -2.56 -15.66 -2.93
C LEU A 11 -1.11 -15.39 -2.53
N ILE A 12 -0.72 -15.89 -1.35
CA ILE A 12 0.63 -15.66 -0.84
C ILE A 12 1.68 -16.15 -1.82
N SER A 13 1.39 -17.23 -2.56
CA SER A 13 2.33 -17.75 -3.54
C SER A 13 2.60 -16.75 -4.66
N SER A 14 1.66 -15.84 -4.94
CA SER A 14 1.94 -14.85 -5.97
C SER A 14 3.03 -13.87 -5.49
N LEU A 15 3.12 -13.61 -4.19
CA LEU A 15 4.18 -12.75 -3.66
C LEU A 15 5.55 -13.32 -3.96
N ILE A 16 5.77 -14.61 -3.64
CA ILE A 16 7.10 -15.19 -3.85
C ILE A 16 7.38 -15.35 -5.35
N ASP A 17 6.35 -15.63 -6.16
CA ASP A 17 6.54 -15.71 -7.61
C ASP A 17 7.01 -14.37 -8.18
N HIS A 18 6.45 -13.27 -7.70
CA HIS A 18 6.85 -11.96 -8.18
C HIS A 18 8.30 -11.65 -7.82
N ALA A 19 8.70 -11.97 -6.58
CA ALA A 19 10.06 -11.68 -6.17
C ALA A 19 11.07 -12.47 -6.99
N ALA A 20 10.74 -13.71 -7.35
CA ALA A 20 11.67 -14.53 -8.14
C ALA A 20 11.68 -14.09 -9.59
N ARG A 21 10.54 -13.66 -10.12
CA ARG A 21 10.47 -13.21 -11.50
C ARG A 21 11.19 -11.88 -11.68
N TYR A 22 11.01 -10.92 -10.77
CA TYR A 22 11.56 -9.59 -11.01
C TYR A 22 12.65 -9.15 -10.03
N HIS A 23 13.02 -9.99 -9.07
CA HIS A 23 14.07 -9.64 -8.13
C HIS A 23 14.84 -10.91 -7.73
N GLY A 24 15.06 -11.80 -8.70
CA GLY A 24 15.56 -13.14 -8.40
C GLY A 24 16.96 -13.18 -7.82
N GLN A 25 17.84 -12.28 -8.25
CA GLN A 25 19.22 -12.29 -7.77
C GLN A 25 19.45 -11.35 -6.59
N THR A 26 18.38 -10.76 -6.05
CA THR A 26 18.49 -9.82 -4.95
C THR A 26 18.81 -10.56 -3.65
N GLU A 27 19.84 -10.11 -2.95
CA GLU A 27 20.48 -10.95 -1.94
C GLU A 27 19.68 -11.06 -0.64
N ILE A 28 19.63 -12.28 -0.10
CA ILE A 28 19.17 -12.58 1.24
C ILE A 28 20.30 -13.26 2.03
N VAL A 29 20.55 -12.77 3.24
CA VAL A 29 21.62 -13.25 4.12
C VAL A 29 20.95 -13.93 5.30
N SER A 30 21.42 -15.13 5.65
CA SER A 30 20.78 -15.97 6.66
C SER A 30 21.83 -16.51 7.62
N VAL A 31 21.71 -16.15 8.91
CA VAL A 31 22.60 -16.63 9.98
C VAL A 31 22.06 -17.99 10.47
N GLU A 32 22.83 -19.06 10.25
CA GLU A 32 22.38 -20.41 10.57
C GLU A 32 22.77 -20.78 12.01
N THR A 33 22.13 -21.83 12.54
CA THR A 33 22.40 -22.25 13.91
C THR A 33 23.79 -22.87 14.07
N ASP A 34 24.40 -23.35 12.98
CA ASP A 34 25.74 -23.90 13.07
C ASP A 34 26.82 -22.82 12.92
N GLY A 35 26.45 -21.55 12.94
CA GLY A 35 27.45 -20.50 12.83
C GLY A 35 27.89 -20.17 11.43
N THR A 36 27.32 -20.79 10.40
CA THR A 36 27.62 -20.36 9.04
C THR A 36 26.63 -19.27 8.60
N VAL A 37 26.98 -18.57 7.53
CA VAL A 37 26.14 -17.52 6.95
C VAL A 37 25.81 -17.94 5.53
N THR A 38 24.53 -18.15 5.25
CA THR A 38 24.09 -18.48 3.90
C THR A 38 23.82 -17.21 3.11
N ARG A 39 24.42 -17.10 1.94
CA ARG A 39 24.14 -15.99 1.05
C ARG A 39 23.32 -16.54 -0.10
N THR A 40 22.01 -16.30 -0.03
CA THR A 40 21.07 -16.80 -1.02
C THR A 40 20.34 -15.62 -1.67
N ASN A 41 19.16 -15.82 -2.24
CA ASN A 41 18.47 -14.73 -2.94
C ASN A 41 17.00 -15.12 -3.15
N TRP A 42 16.20 -14.15 -3.57
CA TRP A 42 14.77 -14.41 -3.73
C TRP A 42 14.52 -15.59 -4.67
N GLY A 43 15.36 -15.76 -5.69
CA GLY A 43 15.17 -16.87 -6.63
C GLY A 43 15.39 -18.23 -5.98
N GLU A 44 16.48 -18.40 -5.25
CA GLU A 44 16.70 -19.69 -4.59
C GLU A 44 15.63 -19.95 -3.53
N ILE A 45 15.24 -18.91 -2.78
CA ILE A 45 14.20 -19.08 -1.78
C ILE A 45 12.89 -19.54 -2.42
N ALA A 46 12.57 -19.01 -3.61
CA ALA A 46 11.34 -19.40 -4.30
C ALA A 46 11.39 -20.84 -4.77
N ALA A 47 12.49 -21.24 -5.40
CA ALA A 47 12.63 -22.61 -5.89
C ALA A 47 12.59 -23.62 -4.73
N ASN A 48 13.26 -23.31 -3.61
CA ASN A 48 13.18 -24.21 -2.46
C ASN A 48 11.78 -24.23 -1.87
N ALA A 49 11.10 -23.07 -1.83
CA ALA A 49 9.71 -23.03 -1.35
C ALA A 49 8.79 -23.89 -2.21
N ARG A 50 8.94 -23.82 -3.53
CA ARG A 50 8.18 -24.69 -4.44
C ARG A 50 8.51 -26.16 -4.17
N ARG A 51 9.80 -26.48 -4.10
CA ARG A 51 10.19 -27.87 -3.88
C ARG A 51 9.68 -28.40 -2.55
N MET A 52 9.77 -27.60 -1.49
CA MET A 52 9.27 -28.09 -0.20
C MET A 52 7.75 -28.19 -0.20
N GLY A 53 7.07 -27.29 -0.91
CA GLY A 53 5.62 -27.40 -1.03
C GLY A 53 5.18 -28.69 -1.72
N SER A 54 5.90 -29.10 -2.77
CA SER A 54 5.71 -30.42 -3.37
C SER A 54 6.02 -31.52 -2.36
N ALA A 55 7.16 -31.41 -1.66
CA ALA A 55 7.55 -32.44 -0.69
C ALA A 55 6.49 -32.61 0.39
N LEU A 56 5.97 -31.51 0.92
CA LEU A 56 4.90 -31.58 1.91
C LEU A 56 3.66 -32.22 1.32
N THR A 57 3.35 -31.93 0.05
CA THR A 57 2.15 -32.46 -0.58
C THR A 57 2.22 -33.99 -0.70
N LYS A 58 3.42 -34.53 -0.96
CA LYS A 58 3.61 -35.97 -1.13
C LYS A 58 3.54 -36.76 0.17
N LEU A 59 3.51 -36.09 1.32
CA LEU A 59 3.28 -36.79 2.57
C LEU A 59 1.82 -37.17 2.77
N GLY A 60 0.92 -36.78 1.87
CA GLY A 60 -0.48 -37.13 2.00
C GLY A 60 -1.31 -36.22 2.89
N LEU A 61 -0.83 -35.03 3.20
CA LEU A 61 -1.56 -34.12 4.07
C LEU A 61 -2.79 -33.57 3.37
N GLN A 62 -3.83 -33.28 4.17
CA GLN A 62 -5.07 -32.73 3.63
C GLN A 62 -4.97 -31.20 3.49
N PRO A 63 -5.74 -30.61 2.58
CA PRO A 63 -5.74 -29.16 2.43
C PRO A 63 -6.02 -28.44 3.73
N GLN A 64 -5.19 -27.43 4.02
CA GLN A 64 -5.23 -26.60 5.23
C GLN A 64 -4.89 -27.37 6.49
N ASP A 65 -4.21 -28.51 6.38
CA ASP A 65 -3.55 -29.11 7.54
C ASP A 65 -2.52 -28.14 8.10
N ARG A 66 -2.38 -28.14 9.42
CA ARG A 66 -1.47 -27.22 10.07
C ARG A 66 -0.03 -27.72 10.02
N ILE A 67 0.88 -26.81 9.72
CA ILE A 67 2.31 -27.08 9.71
C ILE A 67 2.95 -26.16 10.74
N GLY A 68 3.46 -26.73 11.84
CA GLY A 68 4.04 -25.93 12.90
C GLY A 68 5.52 -25.64 12.67
N THR A 69 5.97 -24.47 13.17
CA THR A 69 7.39 -24.16 13.22
C THR A 69 7.77 -23.69 14.61
N LEU A 70 8.96 -24.09 15.06
CA LEU A 70 9.66 -23.51 16.19
C LEU A 70 11.00 -23.08 15.64
N ALA A 71 11.11 -21.82 15.21
CA ALA A 71 12.24 -21.47 14.38
C ALA A 71 12.66 -20.02 14.55
N TRP A 72 13.94 -19.78 14.33
CA TRP A 72 14.53 -18.45 14.25
C TRP A 72 14.19 -17.80 12.91
N ASN A 73 14.68 -16.57 12.70
CA ASN A 73 14.58 -15.92 11.38
C ASN A 73 15.75 -16.41 10.54
N ASN A 74 15.48 -17.33 9.61
CA ASN A 74 16.52 -17.84 8.72
C ASN A 74 15.89 -18.22 7.38
N ARG A 75 16.74 -18.67 6.45
CA ARG A 75 16.24 -18.96 5.11
C ARG A 75 15.23 -20.09 5.12
N ARG A 76 15.43 -21.12 5.94
CA ARG A 76 14.51 -22.25 5.93
C ARG A 76 13.16 -21.90 6.55
N HIS A 77 13.12 -21.03 7.57
CA HIS A 77 11.84 -20.53 8.04
C HIS A 77 11.14 -19.71 6.96
N LEU A 78 11.92 -18.98 6.16
CA LEU A 78 11.30 -18.18 5.09
C LEU A 78 10.78 -19.07 3.97
N GLU A 79 11.51 -20.14 3.65
CA GLU A 79 11.00 -21.11 2.67
C GLU A 79 9.75 -21.81 3.18
N ILE A 80 9.65 -22.07 4.49
CA ILE A 80 8.45 -22.71 5.04
C ILE A 80 7.24 -21.79 4.96
N TYR A 81 7.43 -20.51 5.28
CA TYR A 81 6.38 -19.50 5.12
C TYR A 81 5.68 -19.66 3.78
N TYR A 82 6.46 -19.72 2.71
CA TYR A 82 5.87 -19.79 1.39
C TYR A 82 5.56 -21.21 0.93
N ALA A 83 6.32 -22.22 1.38
CA ALA A 83 5.99 -23.59 1.02
C ALA A 83 4.64 -24.02 1.60
N ALA A 84 4.43 -23.78 2.90
CA ALA A 84 3.22 -24.24 3.56
C ALA A 84 1.99 -23.55 3.01
N SER A 85 1.98 -22.21 3.06
CA SER A 85 0.82 -21.46 2.58
C SER A 85 0.59 -21.66 1.09
N GLY A 86 1.66 -21.60 0.29
CA GLY A 86 1.49 -21.69 -1.16
C GLY A 86 0.91 -23.02 -1.60
N ALA A 87 1.28 -24.11 -0.92
CA ALA A 87 0.77 -25.44 -1.20
C ALA A 87 -0.62 -25.69 -0.61
N GLY A 88 -1.22 -24.71 0.08
CA GLY A 88 -2.56 -24.87 0.58
C GLY A 88 -2.66 -25.30 2.03
N PHE A 89 -1.53 -25.45 2.73
CA PHE A 89 -1.58 -25.79 4.14
C PHE A 89 -1.52 -24.52 4.97
N VAL A 90 -1.67 -24.67 6.30
CA VAL A 90 -1.69 -23.54 7.22
C VAL A 90 -0.33 -23.43 7.89
N CYS A 91 0.34 -22.28 7.72
CA CYS A 91 1.65 -22.07 8.34
C CYS A 91 1.46 -21.60 9.77
N HIS A 92 1.74 -22.47 10.74
CA HIS A 92 1.51 -22.18 12.16
C HIS A 92 2.83 -21.86 12.85
N THR A 93 3.10 -20.56 12.98
CA THR A 93 4.29 -20.09 13.69
C THR A 93 4.06 -20.20 15.19
N ILE A 94 4.96 -20.91 15.87
CA ILE A 94 4.89 -21.13 17.31
C ILE A 94 6.05 -20.43 17.98
N ASN A 95 5.78 -19.84 19.14
CA ASN A 95 6.79 -19.13 19.92
C ASN A 95 7.61 -20.16 20.71
N PRO A 96 8.89 -20.36 20.39
CA PRO A 96 9.67 -21.43 21.03
C PRO A 96 10.11 -21.12 22.45
N ARG A 97 9.87 -19.91 22.94
CA ARG A 97 10.17 -19.47 24.30
C ARG A 97 9.03 -19.71 25.28
N LEU A 98 7.92 -20.30 24.84
CA LEU A 98 6.87 -20.57 25.81
C LEU A 98 7.30 -21.73 26.70
N PHE A 99 6.56 -21.90 27.79
CA PHE A 99 6.78 -23.01 28.68
C PHE A 99 6.39 -24.33 27.98
N PRO A 100 7.00 -25.46 28.37
CA PRO A 100 6.62 -26.74 27.76
C PRO A 100 5.13 -27.06 27.78
N GLU A 101 4.40 -26.82 28.88
CA GLU A 101 2.99 -27.18 28.84
C GLU A 101 2.19 -26.21 27.95
N GLN A 102 2.67 -25.00 27.75
CA GLN A 102 2.05 -24.05 26.86
C GLN A 102 2.20 -24.59 25.42
N LEU A 103 3.39 -25.05 25.06
CA LEU A 103 3.64 -25.62 23.73
C LEU A 103 2.80 -26.87 23.49
N VAL A 104 2.70 -27.75 24.51
CA VAL A 104 1.86 -28.94 24.35
C VAL A 104 0.40 -28.54 24.13
N TYR A 105 -0.10 -27.57 24.90
CA TYR A 105 -1.46 -27.10 24.65
C TYR A 105 -1.61 -26.58 23.23
N ILE A 106 -0.67 -25.72 22.79
CA ILE A 106 -0.82 -25.06 21.50
C ILE A 106 -0.70 -26.08 20.36
N ILE A 107 0.33 -26.92 20.41
CA ILE A 107 0.57 -27.85 19.31
C ILE A 107 -0.58 -28.84 19.18
N ASN A 108 -1.13 -29.29 20.30
CA ASN A 108 -2.25 -30.21 20.22
C ASN A 108 -3.54 -29.50 19.82
N HIS A 109 -3.76 -28.28 20.31
CA HIS A 109 -4.98 -27.58 19.93
C HIS A 109 -5.02 -27.31 18.42
N ALA A 110 -3.90 -26.84 17.85
CA ALA A 110 -3.84 -26.58 16.41
C ALA A 110 -3.79 -27.85 15.58
N GLN A 111 -3.51 -29.00 16.19
CA GLN A 111 -3.39 -30.27 15.47
C GLN A 111 -2.34 -30.19 14.36
N ASP A 112 -1.19 -29.60 14.66
CA ASP A 112 -0.05 -29.63 13.74
C ASP A 112 0.25 -31.06 13.30
N ARG A 113 0.28 -31.27 11.98
CA ARG A 113 0.69 -32.57 11.43
C ARG A 113 2.19 -32.65 11.22
N VAL A 114 2.84 -31.52 10.94
CA VAL A 114 4.28 -31.45 10.77
C VAL A 114 4.81 -30.43 11.76
N LEU A 115 5.99 -30.72 12.32
CA LEU A 115 6.66 -29.79 13.24
C LEU A 115 8.09 -29.60 12.74
N PHE A 116 8.34 -28.45 12.09
CA PHE A 116 9.69 -28.00 11.80
C PHE A 116 10.27 -27.28 13.01
N PHE A 117 11.54 -27.54 13.32
CA PHE A 117 12.16 -26.85 14.43
C PHE A 117 13.66 -26.69 14.18
N ASP A 118 14.22 -25.61 14.72
CA ASP A 118 15.64 -25.39 14.68
C ASP A 118 16.35 -26.19 15.79
N ALA A 119 17.65 -26.37 15.60
CA ALA A 119 18.42 -27.26 16.46
C ALA A 119 18.48 -26.74 17.90
N THR A 120 18.33 -25.43 18.11
CA THR A 120 18.30 -24.88 19.47
C THR A 120 17.23 -25.53 20.33
N PHE A 121 16.19 -26.07 19.71
CA PHE A 121 15.01 -26.51 20.43
C PHE A 121 14.88 -28.03 20.45
N LEU A 122 15.87 -28.74 19.94
CA LEU A 122 15.97 -30.20 20.01
C LEU A 122 15.62 -30.72 21.42
N PRO A 123 16.28 -30.28 22.49
CA PRO A 123 15.96 -30.86 23.81
C PRO A 123 14.55 -30.52 24.26
N LEU A 124 14.07 -29.33 23.92
CA LEU A 124 12.71 -28.95 24.28
C LEU A 124 11.69 -29.84 23.57
N VAL A 125 11.85 -30.06 22.27
CA VAL A 125 10.92 -30.89 21.52
C VAL A 125 11.02 -32.34 21.97
N ALA A 126 12.25 -32.84 22.17
CA ALA A 126 12.40 -34.20 22.67
C ALA A 126 11.70 -34.39 24.02
N ALA A 127 11.74 -33.35 24.87
CA ALA A 127 11.13 -33.50 26.19
C ALA A 127 9.62 -33.60 26.13
N ILE A 128 8.96 -32.86 25.22
CA ILE A 128 7.51 -32.85 25.14
C ILE A 128 6.98 -33.81 24.10
N ARG A 129 7.85 -34.44 23.34
CA ARG A 129 7.44 -35.31 22.26
C ARG A 129 6.40 -36.34 22.61
N ASP A 130 6.51 -36.90 23.80
CA ASP A 130 5.57 -37.94 24.22
C ASP A 130 4.14 -37.43 24.28
N GLN A 131 3.95 -36.14 24.55
CA GLN A 131 2.62 -35.56 24.66
C GLN A 131 2.09 -35.02 23.35
N LEU A 132 2.83 -35.17 22.26
CA LEU A 132 2.41 -34.63 20.96
C LEU A 132 1.86 -35.74 20.07
N THR A 133 0.65 -36.18 20.44
CA THR A 133 0.04 -37.37 19.85
C THR A 133 -0.37 -37.19 18.39
N GLU A 134 -0.56 -35.97 17.91
CA GLU A 134 -1.10 -35.78 16.56
C GLU A 134 -0.05 -35.42 15.52
N VAL A 135 1.22 -35.27 15.90
CA VAL A 135 2.27 -34.91 14.96
C VAL A 135 2.76 -36.17 14.25
N LYS A 136 2.63 -36.20 12.92
CA LYS A 136 3.10 -37.32 12.12
C LYS A 136 4.54 -37.16 11.66
N HIS A 137 5.10 -35.94 11.71
CA HIS A 137 6.45 -35.70 11.20
C HIS A 137 7.14 -34.64 12.05
N PHE A 138 8.27 -35.01 12.63
CA PHE A 138 9.17 -34.06 13.27
C PHE A 138 10.34 -33.84 12.33
N VAL A 139 10.63 -32.57 12.03
CA VAL A 139 11.58 -32.24 10.97
C VAL A 139 12.55 -31.20 11.52
N LEU A 140 13.75 -31.64 11.87
CA LEU A 140 14.84 -30.72 12.17
C LEU A 140 15.19 -29.90 10.93
N MET A 141 15.32 -28.59 11.09
CA MET A 141 15.61 -27.69 9.95
C MET A 141 17.11 -27.67 9.68
N GLY A 142 17.62 -28.85 9.30
CA GLY A 142 19.02 -29.03 8.95
C GLY A 142 19.26 -30.42 8.40
N PRO A 143 20.53 -30.81 8.28
CA PRO A 143 20.85 -32.14 7.75
C PRO A 143 20.78 -33.22 8.83
N ARG A 144 20.78 -34.48 8.36
CA ARG A 144 20.77 -35.64 9.24
C ARG A 144 21.87 -35.54 10.31
N ASN A 145 21.49 -35.78 11.57
CA ASN A 145 22.39 -35.65 12.71
C ASN A 145 22.19 -36.85 13.63
N GLU A 146 23.24 -37.63 13.86
CA GLU A 146 23.09 -38.87 14.62
C GLU A 146 22.69 -38.60 16.07
N ASP A 147 23.22 -37.54 16.69
CA ASP A 147 22.79 -37.21 18.04
C ASP A 147 21.31 -36.85 18.08
N ALA A 148 20.86 -36.00 17.14
CA ALA A 148 19.46 -35.60 17.13
C ALA A 148 18.53 -36.79 17.01
N LEU A 149 18.88 -37.75 16.14
CA LEU A 149 18.05 -38.93 15.94
C LEU A 149 18.01 -39.79 17.19
N GLN A 150 19.08 -39.79 17.98
CA GLN A 150 19.04 -40.47 19.27
C GLN A 150 18.02 -39.81 20.19
N GLN A 151 17.97 -38.47 20.20
CA GLN A 151 17.08 -37.75 21.10
C GLN A 151 15.62 -37.88 20.70
N ILE A 152 15.34 -38.05 19.41
CA ILE A 152 13.98 -38.12 18.88
C ILE A 152 13.89 -39.23 17.85
N PRO A 153 13.65 -40.49 18.23
CA PRO A 153 13.26 -41.42 17.17
C PRO A 153 11.82 -41.15 16.72
N GLY A 154 11.49 -41.28 15.43
CA GLY A 154 12.41 -41.28 14.31
C GLY A 154 12.29 -39.94 13.57
N LEU A 155 13.09 -38.99 14.03
CA LEU A 155 13.20 -37.66 13.46
C LEU A 155 13.43 -37.72 11.95
N GLU A 156 12.91 -36.72 11.23
CA GLU A 156 13.28 -36.50 9.84
C GLU A 156 14.06 -35.19 9.71
N PHE A 157 14.61 -34.96 8.53
CA PHE A 157 15.54 -33.85 8.35
C PHE A 157 15.17 -33.03 7.11
N TYR A 158 15.11 -31.70 7.29
CA TYR A 158 14.71 -30.78 6.23
C TYR A 158 15.50 -31.02 4.93
N ASP A 159 16.82 -31.18 5.05
CA ASP A 159 17.66 -31.20 3.87
C ASP A 159 17.57 -32.50 3.09
N GLU A 160 16.93 -33.53 3.66
CA GLU A 160 16.51 -34.71 2.91
C GLU A 160 15.09 -34.57 2.38
N LEU A 161 14.16 -34.08 3.21
CA LEU A 161 12.76 -33.94 2.80
C LEU A 161 12.60 -33.13 1.51
N ILE A 162 13.26 -31.97 1.46
CA ILE A 162 13.13 -31.06 0.33
C ILE A 162 13.60 -31.72 -0.96
N GLU A 163 14.48 -32.71 -0.87
CA GLU A 163 14.90 -33.38 -2.09
C GLU A 163 13.85 -34.33 -2.62
N THR A 164 12.75 -34.54 -1.90
CA THR A 164 11.69 -35.39 -2.43
C THR A 164 10.72 -34.60 -3.30
N GLY A 165 10.86 -33.28 -3.37
CA GLY A 165 9.89 -32.46 -4.08
C GLY A 165 10.18 -32.41 -5.57
N ASP A 166 9.11 -32.32 -6.35
CA ASP A 166 9.27 -32.25 -7.80
C ASP A 166 9.83 -30.88 -8.19
N THR A 167 10.77 -30.88 -9.13
CA THR A 167 11.31 -29.61 -9.60
C THR A 167 10.26 -28.79 -10.36
N ASP A 168 9.22 -29.44 -10.90
CA ASP A 168 8.22 -28.77 -11.72
C ASP A 168 6.90 -28.54 -10.97
N PHE A 169 6.92 -28.51 -9.64
CA PHE A 169 5.69 -28.29 -8.88
C PHE A 169 5.03 -26.97 -9.28
N GLU A 170 3.70 -27.00 -9.40
CA GLU A 170 2.91 -25.80 -9.64
C GLU A 170 2.06 -25.47 -8.42
N TRP A 171 2.00 -24.18 -8.07
CA TRP A 171 1.18 -23.78 -6.94
C TRP A 171 -0.28 -24.07 -7.26
N PRO A 172 -1.04 -24.62 -6.32
CA PRO A 172 -2.49 -24.74 -6.52
C PRO A 172 -3.20 -23.40 -6.34
N VAL A 173 -4.37 -23.28 -6.97
CA VAL A 173 -5.22 -22.11 -6.83
C VAL A 173 -6.44 -22.48 -6.01
N PHE A 174 -6.92 -21.54 -5.23
CA PHE A 174 -8.07 -21.71 -4.36
C PHE A 174 -8.57 -20.34 -3.96
N ASP A 175 -9.80 -20.29 -3.47
CA ASP A 175 -10.40 -19.09 -2.89
C ASP A 175 -9.39 -18.33 -2.05
N GLU A 176 -9.28 -17.01 -2.28
CA GLU A 176 -8.34 -16.19 -1.51
C GLU A 176 -8.73 -16.08 -0.04
N ASN A 177 -9.96 -16.44 0.32
CA ASN A 177 -10.27 -16.48 1.73
C ASN A 177 -9.86 -17.79 2.40
N THR A 178 -9.15 -18.67 1.68
CA THR A 178 -8.63 -19.91 2.26
C THR A 178 -7.68 -19.57 3.41
N ALA A 179 -7.78 -20.36 4.49
CA ALA A 179 -6.91 -20.17 5.65
C ALA A 179 -5.45 -20.34 5.25
N SER A 180 -4.61 -19.41 5.68
CA SER A 180 -3.22 -19.35 5.27
C SER A 180 -2.23 -19.64 6.39
N SER A 181 -2.54 -19.23 7.61
CA SER A 181 -1.54 -19.22 8.68
C SER A 181 -2.26 -19.01 9.99
N LEU A 182 -1.52 -19.21 11.08
CA LEU A 182 -2.10 -19.33 12.41
C LEU A 182 -1.09 -18.82 13.43
N CYS A 183 -1.58 -18.09 14.43
CA CYS A 183 -0.72 -17.55 15.46
C CYS A 183 -1.53 -17.41 16.74
N TYR A 184 -0.96 -17.85 17.85
CA TYR A 184 -1.66 -17.82 19.12
C TYR A 184 -1.25 -16.59 19.91
N THR A 185 -2.21 -15.97 20.59
CA THR A 185 -1.92 -14.80 21.41
C THR A 185 -0.80 -15.12 22.42
N HIS A 191 -5.52 -19.48 28.78
CA HIS A 191 -5.14 -20.29 27.62
C HIS A 191 -5.03 -19.44 26.36
N PRO A 192 -3.91 -19.59 25.64
CA PRO A 192 -3.70 -18.80 24.41
C PRO A 192 -4.76 -19.11 23.37
N LYS A 193 -5.10 -18.08 22.56
CA LYS A 193 -6.13 -18.20 21.55
C LYS A 193 -5.54 -18.02 20.15
N GLY A 194 -6.00 -18.84 19.21
CA GLY A 194 -5.44 -18.84 17.86
C GLY A 194 -6.16 -17.88 16.93
N VAL A 195 -5.38 -17.10 16.20
CA VAL A 195 -5.90 -16.23 15.16
C VAL A 195 -5.57 -16.89 13.82
N LEU A 196 -6.59 -17.17 13.02
CA LEU A 196 -6.46 -17.92 11.77
C LEU A 196 -6.57 -16.94 10.59
N TYR A 197 -5.42 -16.64 9.98
CA TYR A 197 -5.33 -15.68 8.89
C TYR A 197 -5.76 -16.32 7.57
N SER A 198 -6.11 -15.47 6.61
CA SER A 198 -6.33 -15.91 5.25
C SER A 198 -5.23 -15.39 4.34
N HIS A 199 -5.20 -15.96 3.13
CA HIS A 199 -4.39 -15.38 2.06
C HIS A 199 -4.81 -13.94 1.78
N ARG A 200 -6.12 -13.68 1.71
CA ARG A 200 -6.60 -12.32 1.44
C ARG A 200 -6.14 -11.34 2.51
N SER A 201 -6.33 -11.69 3.79
CA SER A 201 -5.94 -10.76 4.85
C SER A 201 -4.42 -10.56 4.87
N THR A 202 -3.68 -11.65 4.73
CA THR A 202 -2.22 -11.56 4.67
C THR A 202 -1.77 -10.58 3.58
N VAL A 203 -2.36 -10.69 2.37
CA VAL A 203 -1.87 -9.90 1.25
C VAL A 203 -2.28 -8.43 1.38
N LEU A 204 -3.51 -8.18 1.86
CA LEU A 204 -3.93 -6.79 2.07
C LEU A 204 -3.11 -6.11 3.15
N HIS A 205 -2.79 -6.84 4.23
CA HIS A 205 -1.93 -6.30 5.26
C HIS A 205 -0.54 -6.00 4.70
N SER A 206 0.00 -6.90 3.87
CA SER A 206 1.26 -6.59 3.19
C SER A 206 1.14 -5.33 2.35
N PHE A 207 0.06 -5.24 1.54
CA PHE A 207 -0.15 -4.05 0.74
C PHE A 207 -0.09 -2.80 1.61
N ALA A 208 -0.92 -2.75 2.66
CA ALA A 208 -0.96 -1.58 3.54
C ALA A 208 0.40 -1.30 4.15
N SER A 209 1.05 -2.33 4.70
CA SER A 209 2.34 -2.13 5.35
C SER A 209 3.40 -1.65 4.36
N ASN A 210 3.21 -1.96 3.06
CA ASN A 210 4.13 -1.58 2.01
C ASN A 210 3.90 -0.18 1.46
N THR A 211 2.92 0.58 1.98
CA THR A 211 2.72 1.94 1.51
C THR A 211 3.72 2.86 2.20
N ARG A 212 3.99 4.00 1.54
CA ARG A 212 5.07 4.87 1.97
C ARG A 212 4.88 5.35 3.41
N ASP A 213 3.66 5.73 3.79
CA ASP A 213 3.44 6.34 5.10
C ASP A 213 3.19 5.32 6.21
N VAL A 214 3.34 4.03 5.95
CA VAL A 214 3.26 3.06 7.02
C VAL A 214 4.65 2.56 7.35
N ILE A 215 5.11 1.53 6.65
CA ILE A 215 6.51 1.09 6.78
C ILE A 215 7.17 1.40 5.44
N GLY A 216 6.75 0.68 4.39
CA GLY A 216 7.22 0.97 3.04
C GLY A 216 8.59 0.42 2.69
N TYR A 217 8.62 -0.80 2.15
CA TYR A 217 9.85 -1.43 1.71
C TYR A 217 10.18 -1.02 0.28
N SER A 218 11.47 -0.80 0.01
CA SER A 218 11.99 -0.43 -1.29
C SER A 218 13.01 -1.45 -1.77
N ALA A 219 13.16 -1.57 -3.10
CA ALA A 219 14.18 -2.45 -3.65
C ALA A 219 15.57 -2.04 -3.19
N MET A 220 15.76 -0.76 -2.86
CA MET A 220 17.03 -0.25 -2.39
C MET A 220 17.31 -0.55 -0.92
N ASP A 221 16.35 -1.09 -0.17
CA ASP A 221 16.55 -1.34 1.25
C ASP A 221 17.31 -2.63 1.51
N VAL A 222 18.03 -2.63 2.63
CA VAL A 222 18.53 -3.85 3.26
C VAL A 222 17.80 -3.95 4.59
N VAL A 223 16.82 -4.84 4.67
CA VAL A 223 15.89 -4.92 5.79
C VAL A 223 16.34 -6.04 6.70
N MET A 224 16.46 -5.74 8.00
CA MET A 224 16.78 -6.76 9.01
C MET A 224 15.63 -6.88 10.00
N PRO A 225 14.77 -7.89 9.86
CA PRO A 225 13.74 -8.14 10.87
C PRO A 225 14.33 -8.89 12.05
N VAL A 226 14.48 -8.21 13.18
CA VAL A 226 14.79 -8.86 14.44
C VAL A 226 13.52 -9.21 15.20
N VAL A 227 12.40 -8.55 14.89
CA VAL A 227 11.11 -9.08 15.35
C VAL A 227 10.97 -10.51 14.85
N PRO A 228 10.50 -11.45 15.66
CA PRO A 228 10.63 -12.86 15.28
C PRO A 228 9.57 -13.27 14.26
N MET A 229 10.01 -14.05 13.26
CA MET A 229 9.05 -14.74 12.41
C MET A 229 8.23 -15.76 13.18
N PHE A 230 8.62 -16.10 14.41
CA PHE A 230 7.83 -17.07 15.16
C PHE A 230 6.59 -16.45 15.82
N HIS A 231 6.39 -15.13 15.72
CA HIS A 231 5.21 -14.51 16.32
C HIS A 231 4.76 -13.30 15.48
N VAL A 232 3.44 -13.17 15.33
CA VAL A 232 2.76 -12.20 14.44
C VAL A 232 3.53 -11.90 13.16
N ASN A 233 4.01 -12.94 12.48
CA ASN A 233 4.43 -12.83 11.07
C ASN A 233 5.61 -11.88 10.88
N ALA A 234 6.43 -11.66 11.91
CA ALA A 234 7.48 -10.66 11.84
C ALA A 234 6.96 -9.33 11.27
N TRP A 235 5.75 -8.96 11.70
CA TRP A 235 5.07 -7.70 11.33
C TRP A 235 4.83 -7.60 9.82
N GLY A 236 4.74 -8.75 9.16
CA GLY A 236 4.50 -8.80 7.73
C GLY A 236 5.73 -8.65 6.86
N SER A 237 6.91 -8.42 7.44
CA SER A 237 8.09 -8.17 6.61
C SER A 237 8.45 -9.29 5.64
N PRO A 238 8.24 -10.59 5.93
CA PRO A 238 8.53 -11.60 4.89
C PRO A 238 7.70 -11.42 3.63
N TYR A 239 6.52 -10.81 3.75
CA TYR A 239 5.62 -10.60 2.62
C TYR A 239 5.89 -9.25 1.95
N GLY A 240 5.97 -8.19 2.76
CA GLY A 240 6.26 -6.87 2.20
C GLY A 240 7.57 -6.81 1.43
N CYS A 241 8.62 -7.48 1.95
CA CYS A 241 9.92 -7.48 1.28
C CYS A 241 9.89 -8.22 -0.04
N ALA A 242 9.03 -9.24 -0.15
CA ALA A 242 8.87 -9.94 -1.42
C ALA A 242 8.14 -9.09 -2.44
N MET A 243 7.11 -8.34 -2.02
CA MET A 243 6.43 -7.49 -2.99
C MET A 243 7.38 -6.46 -3.59
N SER A 244 8.30 -5.95 -2.79
CA SER A 244 9.18 -4.89 -3.25
C SER A 244 10.54 -5.39 -3.74
N GLY A 245 10.85 -6.67 -3.63
CA GLY A 245 12.22 -7.12 -3.86
C GLY A 245 13.29 -6.49 -2.98
N ALA A 246 13.00 -6.23 -1.71
CA ALA A 246 14.03 -5.77 -0.77
C ALA A 246 15.02 -6.88 -0.43
N GLN A 247 16.29 -6.50 -0.26
CA GLN A 247 17.26 -7.40 0.36
C GLN A 247 16.90 -7.62 1.82
N MET A 248 17.28 -8.79 2.36
CA MET A 248 17.00 -9.13 3.75
C MET A 248 18.22 -9.72 4.45
N VAL A 249 18.37 -9.38 5.73
CA VAL A 249 19.37 -9.98 6.60
C VAL A 249 18.59 -10.67 7.72
N LEU A 250 18.60 -12.00 7.74
CA LEU A 250 17.86 -12.76 8.73
C LEU A 250 18.79 -13.17 9.86
N PRO A 251 18.59 -12.71 11.10
CA PRO A 251 19.66 -12.80 12.11
C PRO A 251 19.81 -14.14 12.83
N GLY A 252 18.95 -15.14 12.57
CA GLY A 252 19.08 -16.41 13.24
C GLY A 252 19.02 -16.28 14.75
N PRO A 253 19.78 -17.12 15.47
CA PRO A 253 19.70 -17.12 16.94
C PRO A 253 20.55 -16.07 17.65
N ASP A 254 21.45 -15.37 16.95
CA ASP A 254 22.41 -14.47 17.62
C ASP A 254 21.86 -13.06 17.63
N LEU A 255 21.16 -12.72 18.72
CA LEU A 255 20.39 -11.49 18.84
C LEU A 255 20.94 -10.53 19.89
N HIS A 256 22.13 -10.81 20.45
CA HIS A 256 22.75 -9.90 21.39
C HIS A 256 23.33 -8.69 20.65
N GLY A 257 23.57 -7.60 21.39
CA GLY A 257 23.91 -6.33 20.76
C GLY A 257 25.07 -6.41 19.77
N GLU A 258 26.12 -7.15 20.15
CA GLU A 258 27.32 -7.19 19.32
C GLU A 258 27.03 -7.83 17.97
N ALA A 259 26.25 -8.92 17.95
CA ALA A 259 25.91 -9.59 16.70
C ALA A 259 25.03 -8.72 15.80
N LEU A 260 24.05 -8.03 16.39
CA LEU A 260 23.14 -7.21 15.60
C LEU A 260 23.85 -5.99 15.01
N VAL A 261 24.67 -5.32 15.82
CA VAL A 261 25.49 -4.22 15.31
C VAL A 261 26.40 -4.71 14.18
N ASN A 262 26.98 -5.89 14.35
CA ASN A 262 27.90 -6.39 13.31
C ASN A 262 27.15 -6.69 12.01
N LEU A 263 25.90 -7.17 12.10
CA LEU A 263 25.08 -7.35 10.90
C LEU A 263 24.86 -6.03 10.19
N ILE A 264 24.45 -5.00 10.94
CA ILE A 264 24.15 -3.71 10.33
C ILE A 264 25.35 -3.15 9.59
N ASP A 265 26.53 -3.23 10.21
CA ASP A 265 27.70 -2.63 9.59
C ASP A 265 28.26 -3.51 8.48
N THR A 266 28.13 -4.83 8.58
CA THR A 266 28.73 -5.71 7.59
C THR A 266 27.91 -5.77 6.30
N TYR A 267 26.58 -5.84 6.40
CA TYR A 267 25.73 -5.97 5.24
C TYR A 267 25.00 -4.68 4.87
N GLY A 268 25.23 -3.60 5.62
CA GLY A 268 24.66 -2.32 5.26
C GLY A 268 23.16 -2.22 5.47
N VAL A 269 22.67 -2.69 6.62
CA VAL A 269 21.24 -2.62 6.90
C VAL A 269 20.77 -1.18 6.84
N THR A 270 19.71 -0.93 6.09
CA THR A 270 19.08 0.40 6.06
C THR A 270 17.85 0.49 6.93
N LEU A 271 17.14 -0.61 7.10
CA LEU A 271 15.88 -0.63 7.87
C LEU A 271 15.92 -1.81 8.82
N ALA A 272 15.82 -1.54 10.11
CA ALA A 272 15.89 -2.56 11.15
C ALA A 272 14.59 -2.54 11.94
N MET A 273 14.08 -3.72 12.26
CA MET A 273 12.78 -3.84 12.92
C MET A 273 12.94 -4.70 14.17
N GLY A 274 12.56 -4.14 15.32
CA GLY A 274 12.79 -4.81 16.58
C GLY A 274 11.87 -4.31 17.67
N VAL A 275 12.07 -4.84 18.88
CA VAL A 275 11.27 -4.48 20.05
C VAL A 275 12.19 -3.75 21.03
N PRO A 276 11.65 -3.00 22.00
CA PRO A 276 12.53 -2.21 22.87
C PRO A 276 13.65 -2.99 23.57
N THR A 277 13.42 -4.19 24.09
CA THR A 277 14.48 -4.81 24.92
C THR A 277 15.68 -5.21 24.06
N ILE A 278 15.43 -5.73 22.87
CA ILE A 278 16.51 -6.12 21.98
C ILE A 278 17.29 -4.89 21.50
N TRP A 279 16.62 -3.76 21.29
CA TRP A 279 17.32 -2.55 20.86
C TRP A 279 18.21 -1.97 21.97
N GLN A 280 17.76 -2.04 23.23
CA GLN A 280 18.60 -1.62 24.35
C GLN A 280 19.96 -2.30 24.32
N GLY A 281 19.99 -3.62 24.06
CA GLY A 281 21.27 -4.29 23.89
C GLY A 281 22.04 -3.80 22.68
N LEU A 282 21.33 -3.52 21.58
CA LEU A 282 22.01 -3.07 20.37
C LEU A 282 22.65 -1.69 20.59
N LEU A 283 21.88 -0.78 21.19
CA LEU A 283 22.40 0.57 21.44
C LEU A 283 23.53 0.56 22.46
N ALA A 284 23.54 -0.41 23.36
CA ALA A 284 24.62 -0.48 24.33
C ALA A 284 25.94 -0.85 23.65
N HIS A 285 25.93 -1.92 22.85
CA HIS A 285 27.17 -2.27 22.15
C HIS A 285 27.58 -1.16 21.20
N ALA A 286 26.61 -0.54 20.52
CA ALA A 286 26.93 0.53 19.57
C ALA A 286 27.62 1.70 20.24
N ALA A 287 27.16 2.11 21.42
CA ALA A 287 27.80 3.23 22.11
C ALA A 287 29.22 2.88 22.49
N LYS A 288 29.43 1.63 22.94
CA LYS A 288 30.75 1.18 23.41
C LYS A 288 31.78 1.22 22.27
N CYS A 289 31.46 0.60 21.13
CA CYS A 289 32.47 0.44 20.10
C CYS A 289 32.58 1.66 19.20
N GLY A 290 31.69 2.64 19.34
CA GLY A 290 31.82 3.89 18.61
C GLY A 290 31.29 3.89 17.18
N THR A 291 30.66 2.80 16.73
CA THR A 291 30.21 2.74 15.35
C THR A 291 29.20 3.85 15.06
N LYS A 292 29.19 4.31 13.82
CA LYS A 292 28.21 5.31 13.41
C LYS A 292 26.95 4.68 12.83
N LEU A 293 26.90 3.35 12.67
CA LEU A 293 25.76 2.67 12.06
C LEU A 293 25.41 3.31 10.72
N GLU A 294 26.43 3.45 9.86
CA GLU A 294 26.40 4.45 8.80
C GLU A 294 25.23 4.22 7.84
N SER A 295 24.93 2.96 7.51
CA SER A 295 23.91 2.63 6.54
C SER A 295 22.50 2.72 7.11
N LEU A 296 22.34 2.68 8.43
CA LEU A 296 21.00 2.68 9.01
C LEU A 296 20.32 4.03 8.76
N GLU A 297 19.12 3.97 8.17
CA GLU A 297 18.31 5.15 7.95
C GLU A 297 17.10 5.24 8.87
N ARG A 298 16.52 4.10 9.26
CA ARG A 298 15.24 4.11 9.96
C ARG A 298 15.05 2.80 10.72
N THR A 299 14.20 2.85 11.75
CA THR A 299 13.92 1.65 12.52
C THR A 299 12.43 1.65 12.90
N VAL A 300 11.82 0.45 12.86
CA VAL A 300 10.46 0.23 13.33
C VAL A 300 10.55 -0.46 14.69
N ILE A 301 9.90 0.11 15.70
CA ILE A 301 9.88 -0.44 17.06
C ILE A 301 8.43 -0.64 17.48
N GLY A 302 8.02 -1.89 17.66
CA GLY A 302 6.68 -2.20 18.10
C GLY A 302 6.68 -3.34 19.08
N GLY A 303 5.48 -3.78 19.48
CA GLY A 303 5.31 -4.89 20.41
C GLY A 303 5.33 -4.52 21.88
N ALA A 304 5.99 -3.42 22.23
CA ALA A 304 5.92 -2.81 23.55
C ALA A 304 6.13 -1.32 23.35
N ALA A 305 5.65 -0.52 24.30
CA ALA A 305 5.71 0.93 24.15
C ALA A 305 7.15 1.37 23.93
N CYS A 306 7.38 2.06 22.83
CA CYS A 306 8.72 2.56 22.56
C CYS A 306 9.05 3.70 23.51
N PRO A 307 10.15 3.63 24.24
CA PRO A 307 10.50 4.70 25.18
C PRO A 307 10.89 5.97 24.46
N PRO A 308 10.38 7.12 24.87
CA PRO A 308 10.74 8.38 24.19
C PRO A 308 12.24 8.63 24.10
N SER A 309 13.01 8.32 25.16
CA SER A 309 14.45 8.57 25.10
C SER A 309 15.13 7.67 24.08
N MET A 310 14.56 6.50 23.78
CA MET A 310 15.14 5.66 22.75
C MET A 310 14.99 6.29 21.39
N ILE A 311 13.81 6.86 21.11
CA ILE A 311 13.60 7.61 19.87
C ILE A 311 14.61 8.73 19.75
N ALA A 312 14.83 9.46 20.86
CA ALA A 312 15.76 10.58 20.86
C ALA A 312 17.18 10.13 20.56
N THR A 313 17.57 8.97 21.10
CA THR A 313 18.92 8.47 20.84
C THR A 313 19.13 8.19 19.36
N PHE A 314 18.21 7.43 18.73
CA PHE A 314 18.35 7.14 17.31
C PHE A 314 18.42 8.43 16.49
N ARG A 315 17.60 9.42 16.86
CA ARG A 315 17.58 10.69 16.13
C ARG A 315 18.88 11.46 16.33
N GLU A 316 19.20 11.81 17.59
CA GLU A 316 20.29 12.76 17.86
C GLU A 316 21.67 12.13 17.69
N LYS A 317 21.83 10.84 18.03
CA LYS A 317 23.14 10.23 17.92
C LYS A 317 23.42 9.72 16.50
N TYR A 318 22.40 9.16 15.83
CA TYR A 318 22.62 8.49 14.54
C TYR A 318 21.87 9.11 13.35
N GLY A 319 20.98 10.06 13.57
CA GLY A 319 20.25 10.59 12.42
C GLY A 319 19.30 9.56 11.84
N VAL A 320 18.72 8.73 12.69
CA VAL A 320 17.86 7.63 12.30
C VAL A 320 16.46 7.93 12.81
N ASP A 321 15.47 7.85 11.92
CA ASP A 321 14.07 8.08 12.28
C ASP A 321 13.45 6.80 12.85
N THR A 322 12.72 6.94 13.96
CA THR A 322 12.12 5.80 14.63
C THR A 322 10.61 5.83 14.41
N VAL A 323 10.08 4.71 13.88
CA VAL A 323 8.66 4.55 13.61
C VAL A 323 8.09 3.67 14.72
N HIS A 324 7.43 4.30 15.68
CA HIS A 324 6.71 3.57 16.71
C HIS A 324 5.48 2.95 16.08
N ALA A 325 5.31 1.64 16.24
CA ALA A 325 4.18 0.95 15.63
C ALA A 325 3.53 0.05 16.68
N TRP A 326 2.22 -0.12 16.57
CA TRP A 326 1.46 -0.88 17.54
C TRP A 326 0.58 -1.91 16.86
N GLY A 327 0.37 -3.02 17.53
CA GLY A 327 -0.51 -4.05 16.99
C GLY A 327 -0.60 -5.26 17.90
N MET A 328 -1.13 -6.35 17.33
CA MET A 328 -1.44 -7.54 18.12
C MET A 328 -1.76 -8.66 17.17
N SER A 329 -1.67 -9.90 17.68
CA SER A 329 -1.92 -11.08 16.86
C SER A 329 -3.27 -11.00 16.14
N GLU A 330 -4.27 -10.44 16.81
CA GLU A 330 -5.61 -10.29 16.25
C GLU A 330 -5.68 -9.28 15.11
N MET A 331 -4.62 -8.52 14.84
CA MET A 331 -4.61 -7.54 13.76
C MET A 331 -3.47 -7.76 12.78
N SER A 332 -2.88 -8.96 12.76
CA SER A 332 -2.03 -9.47 11.69
C SER A 332 -0.55 -9.01 11.50
N PRO A 333 0.01 -8.13 12.36
CA PRO A 333 -0.36 -7.45 13.60
C PRO A 333 -0.70 -5.95 13.49
N LEU A 334 -0.34 -5.29 12.40
CA LEU A 334 -0.21 -3.83 12.45
C LEU A 334 -1.56 -3.13 12.52
N GLY A 335 -1.72 -2.25 13.50
CA GLY A 335 -2.91 -1.44 13.57
C GLY A 335 -2.60 0.02 13.33
N THR A 336 -1.39 0.45 13.72
CA THR A 336 -1.09 1.88 13.75
C THR A 336 0.43 2.09 13.67
N ALA A 337 0.84 3.21 13.08
CA ALA A 337 2.25 3.53 12.91
C ALA A 337 2.43 5.03 13.01
N ASN A 338 3.46 5.47 13.75
CA ASN A 338 3.64 6.89 14.03
C ASN A 338 4.49 7.52 12.93
N ILE A 339 3.81 8.16 11.97
CA ILE A 339 4.41 8.90 10.87
C ILE A 339 3.74 10.28 10.89
N PRO A 340 4.46 11.36 10.65
CA PRO A 340 3.87 12.70 10.87
C PRO A 340 2.91 13.10 9.75
N LEU A 341 2.22 14.20 9.99
CA LEU A 341 1.35 14.87 9.03
C LEU A 341 1.99 16.21 8.62
N ALA A 342 1.52 16.74 7.48
CA ALA A 342 2.11 17.96 6.93
C ALA A 342 2.10 19.11 7.93
N LYS A 343 0.97 19.33 8.61
CA LYS A 343 0.83 20.50 9.48
C LYS A 343 1.83 20.48 10.64
N HIS A 344 2.31 19.30 11.04
CA HIS A 344 3.21 19.23 12.19
C HIS A 344 4.49 20.02 11.97
N ARG A 345 4.92 20.20 10.72
CA ARG A 345 6.15 20.93 10.44
C ARG A 345 6.05 22.41 10.78
N LYS A 346 4.87 22.92 11.11
CA LYS A 346 4.71 24.34 11.45
C LYS A 346 4.76 24.57 12.96
N LEU A 347 5.00 23.52 13.73
CA LEU A 347 5.14 23.59 15.18
C LEU A 347 6.59 23.76 15.56
N PRO A 348 6.86 24.16 16.81
CA PRO A 348 8.25 24.20 17.27
C PRO A 348 8.86 22.79 17.29
N ILE A 349 10.15 22.73 16.95
CA ILE A 349 10.82 21.46 16.68
C ILE A 349 10.70 20.50 17.86
N GLU A 350 10.81 21.02 19.09
CA GLU A 350 10.77 20.11 20.23
C GLU A 350 9.38 19.55 20.45
N GLU A 351 8.35 20.22 19.94
CA GLU A 351 7.00 19.66 19.97
C GLU A 351 6.76 18.69 18.83
N GLN A 352 7.43 18.90 17.69
CA GLN A 352 7.44 17.89 16.63
C GLN A 352 7.98 16.56 17.16
N HIS A 353 9.08 16.62 17.92
CA HIS A 353 9.64 15.41 18.51
C HIS A 353 8.62 14.69 19.37
N LYS A 354 7.97 15.44 20.28
CA LYS A 354 7.01 14.85 21.20
C LYS A 354 5.88 14.14 20.47
N LEU A 355 5.50 14.63 19.29
CA LEU A 355 4.43 14.00 18.53
C LEU A 355 4.77 12.57 18.10
N ARG A 356 6.05 12.21 18.06
CA ARG A 356 6.44 10.88 17.57
C ARG A 356 6.35 9.81 18.65
N GLU A 357 5.94 10.18 19.87
CA GLU A 357 6.02 9.25 20.99
C GLU A 357 4.82 8.32 21.05
N ASN A 358 3.65 8.74 20.55
CA ASN A 358 2.46 7.92 20.75
C ASN A 358 2.51 6.70 19.82
N GLN A 359 1.53 5.80 19.97
CA GLN A 359 1.54 4.58 19.17
C GLN A 359 1.28 4.80 17.68
N GLY A 360 0.79 5.96 17.26
CA GLY A 360 0.72 6.30 15.85
C GLY A 360 -0.70 6.37 15.32
N ARG A 361 -0.79 6.57 13.95
CA ARG A 361 -2.01 6.76 13.17
C ARG A 361 -2.31 5.52 12.32
N PRO A 362 -3.57 5.18 12.10
CA PRO A 362 -3.91 3.93 11.39
C PRO A 362 -3.83 4.12 9.88
N PRO A 363 -3.45 3.08 9.15
CA PRO A 363 -3.47 3.16 7.69
C PRO A 363 -4.86 2.86 7.14
N PHE A 364 -5.01 3.07 5.82
CA PHE A 364 -6.24 2.62 5.16
C PHE A 364 -6.33 1.10 5.27
N GLY A 365 -7.54 0.61 5.55
CA GLY A 365 -7.75 -0.79 5.84
C GLY A 365 -7.94 -1.12 7.32
N VAL A 366 -7.72 -0.17 8.24
CA VAL A 366 -8.08 -0.36 9.65
C VAL A 366 -8.78 0.89 10.15
N GLU A 367 -9.75 0.70 11.03
CA GLU A 367 -10.48 1.79 11.66
C GLU A 367 -10.43 1.63 13.18
N LEU A 368 -10.32 2.76 13.89
CA LEU A 368 -10.21 2.80 15.35
C LEU A 368 -11.32 3.65 15.97
N LYS A 369 -11.79 3.25 17.16
CA LYS A 369 -12.67 4.11 17.94
C LYS A 369 -12.58 3.70 19.41
N ILE A 370 -13.04 4.60 20.30
CA ILE A 370 -13.11 4.31 21.74
C ILE A 370 -14.56 4.41 22.19
N VAL A 371 -14.94 3.55 23.13
CA VAL A 371 -16.31 3.49 23.63
C VAL A 371 -16.32 3.57 25.16
N ASP A 372 -17.47 3.94 25.71
CA ASP A 372 -17.64 3.96 27.15
C ASP A 372 -18.04 2.57 27.64
N ASP A 373 -18.29 2.44 28.94
CA ASP A 373 -18.60 1.14 29.53
C ASP A 373 -19.90 0.54 28.99
N ASP A 374 -20.75 1.34 28.36
CA ASP A 374 -21.95 0.84 27.72
C ASP A 374 -21.77 0.58 26.23
N GLY A 375 -20.56 0.79 25.70
CA GLY A 375 -20.29 0.52 24.30
C GLY A 375 -20.55 1.67 23.35
N ASN A 376 -20.90 2.85 23.85
CA ASN A 376 -21.23 3.97 22.99
C ASN A 376 -20.00 4.85 22.72
N ASP A 377 -19.99 5.45 21.53
CA ASP A 377 -18.83 6.19 21.05
C ASP A 377 -18.48 7.33 22.00
N LEU A 378 -17.17 7.57 22.16
CA LEU A 378 -16.62 8.69 22.90
C LEU A 378 -15.85 9.60 21.94
N PRO A 379 -15.72 10.89 22.25
CA PRO A 379 -15.08 11.82 21.31
C PRO A 379 -13.59 11.57 21.17
N HIS A 380 -13.12 11.65 19.93
CA HIS A 380 -11.70 11.50 19.61
C HIS A 380 -11.01 12.85 19.76
N ASP A 381 -10.95 13.33 21.02
CA ASP A 381 -10.35 14.62 21.32
C ASP A 381 -8.93 14.51 21.86
N GLY A 382 -8.40 13.30 21.99
CA GLY A 382 -7.05 13.14 22.46
C GLY A 382 -6.87 13.14 23.96
N VAL A 383 -7.95 13.29 24.73
CA VAL A 383 -7.82 13.36 26.18
C VAL A 383 -8.84 12.44 26.86
N THR A 384 -10.04 12.34 26.29
CA THR A 384 -11.04 11.41 26.82
C THR A 384 -10.60 9.97 26.58
N GLN A 385 -10.70 9.14 27.61
CA GLN A 385 -10.31 7.75 27.57
C GLN A 385 -11.46 6.78 27.49
N GLY A 386 -11.25 5.68 26.77
CA GLY A 386 -12.27 4.65 26.66
C GLY A 386 -11.68 3.38 26.12
N ASP A 387 -12.54 2.36 25.98
CA ASP A 387 -12.10 1.06 25.49
C ASP A 387 -11.89 1.10 23.97
N LEU A 388 -10.70 0.70 23.54
CA LEU A 388 -10.31 0.75 22.14
C LEU A 388 -10.94 -0.39 21.34
N MET A 389 -11.62 -0.03 20.25
CA MET A 389 -12.25 -0.96 19.32
C MET A 389 -11.64 -0.81 17.92
N VAL A 390 -11.52 -1.92 17.19
CA VAL A 390 -10.91 -1.91 15.86
C VAL A 390 -11.68 -2.82 14.91
N ARG A 391 -11.58 -2.51 13.60
CA ARG A 391 -12.07 -3.39 12.55
C ARG A 391 -11.34 -3.07 11.24
N GLY A 392 -11.32 -4.03 10.33
CA GLY A 392 -10.73 -3.81 9.03
C GLY A 392 -10.42 -5.14 8.34
N HIS A 393 -9.64 -5.03 7.25
CA HIS A 393 -9.45 -6.18 6.35
C HIS A 393 -8.56 -7.26 6.94
N TRP A 394 -7.78 -6.95 7.98
CA TRP A 394 -6.90 -7.93 8.61
C TRP A 394 -7.08 -7.94 10.14
N VAL A 395 -8.30 -7.65 10.58
CA VAL A 395 -8.72 -7.85 11.97
C VAL A 395 -9.51 -9.16 12.02
N LEU A 396 -9.32 -9.95 13.07
CA LEU A 396 -10.00 -11.23 13.13
C LEU A 396 -11.51 -11.04 13.28
N ASP A 397 -12.25 -12.08 12.89
CA ASP A 397 -13.68 -12.21 13.10
C ASP A 397 -14.02 -13.15 14.26
N SER A 398 -13.23 -14.19 14.49
CA SER A 398 -13.42 -15.10 15.62
C SER A 398 -12.14 -15.92 15.79
N TYR A 399 -11.96 -16.46 16.99
CA TYR A 399 -10.77 -17.24 17.32
C TYR A 399 -10.89 -18.67 16.82
N PHE A 400 -9.73 -19.30 16.61
CA PHE A 400 -9.67 -20.64 16.03
C PHE A 400 -10.37 -21.66 16.91
N GLN A 401 -11.28 -22.44 16.30
CA GLN A 401 -12.09 -23.45 16.98
C GLN A 401 -13.01 -22.85 18.04
N LEU A 402 -13.38 -21.57 17.89
CA LEU A 402 -14.30 -20.90 18.80
C LEU A 402 -15.27 -20.03 18.01
N LYS A 403 -15.81 -20.58 16.91
CA LYS A 403 -16.70 -19.81 16.04
C LYS A 403 -18.04 -19.51 16.70
N ASP A 404 -18.47 -20.33 17.66
CA ASP A 404 -19.78 -20.22 18.28
C ASP A 404 -19.80 -19.28 19.50
N GLN A 405 -18.82 -18.36 19.62
CA GLN A 405 -18.55 -17.75 20.91
C GLN A 405 -18.88 -16.27 21.02
N GLU A 406 -19.39 -15.63 19.96
CA GLU A 406 -19.95 -14.28 20.05
C GLU A 406 -18.92 -13.25 20.53
N LEU A 407 -17.88 -13.06 19.72
CA LEU A 407 -16.75 -12.22 20.10
C LEU A 407 -16.96 -10.74 19.77
N LEU A 408 -17.36 -10.43 18.53
CA LEU A 408 -17.46 -9.03 18.10
C LEU A 408 -18.65 -8.33 18.75
N GLN A 409 -18.50 -7.02 18.96
CA GLN A 409 -19.54 -6.18 19.53
C GLN A 409 -19.95 -5.16 18.47
N ASP A 410 -21.11 -5.43 17.84
CA ASP A 410 -21.64 -4.64 16.73
C ASP A 410 -20.62 -4.51 15.58
N GLY A 411 -19.91 -5.59 15.28
CA GLY A 411 -18.95 -5.59 14.19
C GLY A 411 -17.55 -5.14 14.54
N TRP A 412 -17.27 -4.83 15.81
CA TRP A 412 -15.97 -4.35 16.23
C TRP A 412 -15.33 -5.32 17.22
N PHE A 413 -14.01 -5.40 17.16
CA PHE A 413 -13.21 -6.20 18.07
C PHE A 413 -12.65 -5.31 19.16
N ALA A 414 -12.95 -5.63 20.42
CA ALA A 414 -12.41 -4.92 21.57
C ALA A 414 -11.00 -5.42 21.86
N THR A 415 -10.03 -4.51 21.90
CA THR A 415 -8.63 -4.91 22.04
C THR A 415 -8.22 -5.18 23.48
N GLY A 416 -9.00 -4.74 24.46
CA GLY A 416 -8.58 -4.82 25.84
C GLY A 416 -7.84 -3.61 26.38
N ASP A 417 -7.44 -2.66 25.54
CA ASP A 417 -6.79 -1.47 26.06
C ASP A 417 -7.78 -0.33 26.23
N VAL A 418 -7.54 0.51 27.26
CA VAL A 418 -8.09 1.86 27.28
C VAL A 418 -7.11 2.78 26.57
N ALA A 419 -7.64 3.73 25.82
CA ALA A 419 -6.81 4.55 24.94
C ALA A 419 -7.43 5.92 24.78
N THR A 420 -6.60 6.86 24.32
CA THR A 420 -7.08 8.11 23.74
C THR A 420 -6.81 8.11 22.25
N LEU A 421 -7.72 8.75 21.50
CA LEU A 421 -7.57 9.01 20.06
C LEU A 421 -7.77 10.50 19.83
N ASP A 422 -6.88 11.12 19.04
CA ASP A 422 -7.06 12.55 18.79
C ASP A 422 -7.83 12.71 17.47
N PRO A 423 -8.11 13.94 17.00
CA PRO A 423 -8.86 14.05 15.72
C PRO A 423 -8.17 13.40 14.54
N ASP A 424 -6.84 13.33 14.52
CA ASP A 424 -6.12 12.74 13.39
C ASP A 424 -6.00 11.21 13.48
N GLY A 425 -6.51 10.59 14.52
CA GLY A 425 -6.40 9.15 14.69
C GLY A 425 -5.20 8.66 15.47
N TYR A 426 -4.41 9.55 16.06
CA TYR A 426 -3.24 9.13 16.83
C TYR A 426 -3.69 8.49 18.14
N MET A 427 -3.20 7.29 18.42
CA MET A 427 -3.64 6.46 19.53
C MET A 427 -2.57 6.39 20.60
N THR A 428 -2.99 6.51 21.87
CA THR A 428 -2.11 6.39 23.03
C THR A 428 -2.66 5.33 23.95
N ILE A 429 -1.89 4.26 24.17
CA ILE A 429 -2.26 3.25 25.15
C ILE A 429 -2.11 3.82 26.55
N ARG A 430 -3.17 3.71 27.35
CA ARG A 430 -3.17 4.27 28.71
C ARG A 430 -3.24 3.20 29.79
N ASP A 431 -4.10 2.20 29.62
CA ASP A 431 -4.28 1.14 30.59
C ASP A 431 -4.91 -0.05 29.90
N ARG A 432 -5.19 -1.09 30.69
CA ARG A 432 -5.92 -2.26 30.24
C ARG A 432 -7.33 -2.23 30.86
N SER A 433 -8.34 -2.31 30.00
CA SER A 433 -9.74 -2.23 30.44
C SER A 433 -10.03 -3.10 31.67
N LYS A 434 -9.59 -4.34 31.68
CA LYS A 434 -9.89 -5.19 32.80
C LYS A 434 -9.25 -4.81 34.12
N ASP A 435 -8.29 -3.92 34.07
CA ASP A 435 -7.55 -3.57 35.27
C ASP A 435 -8.07 -2.32 35.96
N ILE A 436 -8.97 -1.57 35.32
CA ILE A 436 -9.38 -0.25 35.80
C ILE A 436 -10.54 -0.36 36.78
N ILE A 437 -10.39 0.26 37.95
CA ILE A 437 -11.48 0.54 38.86
C ILE A 437 -11.82 2.03 38.67
N LYS A 438 -13.04 2.30 38.21
CA LYS A 438 -13.43 3.66 37.82
C LYS A 438 -14.07 4.36 39.01
N SER A 439 -13.20 4.83 39.91
CA SER A 439 -13.62 5.63 41.04
C SER A 439 -13.81 7.08 40.62
N GLY A 440 -14.65 7.79 41.37
CA GLY A 440 -15.16 9.10 41.00
C GLY A 440 -14.16 10.09 40.43
N GLY A 441 -13.19 10.51 41.25
CA GLY A 441 -12.26 11.55 40.86
C GLY A 441 -11.08 11.10 40.01
N GLU A 442 -10.80 9.79 39.95
CA GLU A 442 -9.68 9.29 39.17
C GLU A 442 -9.75 7.79 39.15
N TRP A 443 -9.37 7.21 38.02
CA TRP A 443 -9.34 5.77 37.86
C TRP A 443 -8.16 5.16 38.61
N ILE A 444 -8.34 3.91 39.02
CA ILE A 444 -7.38 3.20 39.85
C ILE A 444 -6.95 1.95 39.12
N SER A 445 -5.65 1.65 39.18
CA SER A 445 -5.12 0.41 38.66
C SER A 445 -5.17 -0.64 39.76
N SER A 446 -5.93 -1.72 39.53
CA SER A 446 -6.04 -2.74 40.54
C SER A 446 -4.74 -3.53 40.68
N VAL A 447 -3.99 -3.73 39.60
CA VAL A 447 -2.76 -4.53 39.73
C VAL A 447 -1.72 -3.78 40.53
N GLU A 448 -1.68 -2.45 40.43
CA GLU A 448 -0.75 -1.67 41.24
C GLU A 448 -1.02 -1.86 42.73
N LEU A 449 -2.30 -1.99 43.12
CA LEU A 449 -2.62 -2.19 44.52
C LEU A 449 -2.33 -3.62 44.95
N GLU A 450 -2.59 -4.60 44.08
CA GLU A 450 -2.21 -5.98 44.37
C GLU A 450 -0.73 -6.11 44.62
N ASN A 451 0.10 -5.46 43.80
CA ASN A 451 1.55 -5.58 43.96
C ASN A 451 2.00 -5.02 45.31
N ILE A 452 1.31 -3.98 45.81
CA ILE A 452 1.60 -3.50 47.16
C ILE A 452 1.16 -4.53 48.20
N ALA A 453 -0.05 -5.06 48.04
CA ALA A 453 -0.64 -5.92 49.06
C ALA A 453 0.14 -7.22 49.21
N VAL A 454 0.52 -7.87 48.09
CA VAL A 454 1.16 -9.17 48.19
C VAL A 454 2.53 -9.08 48.86
N ALA A 455 3.15 -7.89 48.87
CA ALA A 455 4.46 -7.75 49.50
C ALA A 455 4.38 -7.74 51.01
N HIS A 456 3.17 -7.71 51.58
CA HIS A 456 3.04 -7.67 53.02
C HIS A 456 3.50 -9.00 53.62
N PRO A 457 4.32 -8.99 54.66
CA PRO A 457 4.88 -10.24 55.19
C PRO A 457 3.83 -11.24 55.68
N LYS A 458 2.59 -10.80 55.88
CA LYS A 458 1.56 -11.66 56.47
C LYS A 458 0.47 -12.04 55.48
N LEU A 459 0.72 -11.93 54.18
CA LEU A 459 -0.25 -12.37 53.19
C LEU A 459 0.40 -13.35 52.21
N ALA A 460 -0.23 -14.52 52.05
CA ALA A 460 0.17 -15.44 51.00
C ALA A 460 0.00 -14.80 49.63
N THR A 461 -1.24 -14.44 49.28
CA THR A 461 -1.54 -13.64 48.09
C THR A 461 -2.70 -12.71 48.40
N ALA A 462 -3.13 -11.96 47.38
CA ALA A 462 -4.24 -11.03 47.50
C ALA A 462 -4.71 -10.64 46.12
N ALA A 463 -5.98 -10.24 46.04
CA ALA A 463 -6.59 -9.73 44.83
C ALA A 463 -7.31 -8.41 45.17
N VAL A 464 -7.43 -7.57 44.17
CA VAL A 464 -8.09 -6.29 44.34
C VAL A 464 -9.14 -6.15 43.29
N ILE A 465 -10.35 -5.85 43.73
CA ILE A 465 -11.42 -5.71 42.80
C ILE A 465 -12.23 -4.47 43.00
N GLY A 466 -12.84 -4.05 41.91
CA GLY A 466 -13.71 -2.92 41.88
C GLY A 466 -15.03 -3.44 42.36
N VAL A 467 -15.60 -2.73 43.29
CA VAL A 467 -16.85 -3.07 43.89
C VAL A 467 -17.73 -1.82 43.90
N PRO A 468 -19.10 -2.02 43.86
CA PRO A 468 -19.92 -0.80 43.83
C PRO A 468 -19.96 0.05 45.11
N HIS A 469 -20.02 1.37 44.93
CA HIS A 469 -20.09 2.36 46.01
C HIS A 469 -21.15 3.38 45.61
N PRO A 470 -22.03 3.71 46.54
CA PRO A 470 -23.17 4.58 46.17
C PRO A 470 -22.77 6.02 45.88
N LYS A 471 -21.63 6.49 46.39
CA LYS A 471 -21.18 7.86 46.21
C LYS A 471 -20.06 8.00 45.19
N TRP A 472 -19.18 7.00 45.08
CA TRP A 472 -17.97 7.07 44.24
C TRP A 472 -18.05 6.17 43.02
N ASP A 473 -19.21 5.56 42.76
CA ASP A 473 -19.47 4.60 41.67
C ASP A 473 -18.79 3.26 41.93
N GLU A 474 -17.46 3.28 42.05
CA GLU A 474 -16.66 2.07 42.12
C GLU A 474 -15.49 2.34 43.05
N ARG A 475 -15.20 1.40 43.95
CA ARG A 475 -14.11 1.53 44.91
C ARG A 475 -13.42 0.19 45.12
N PRO A 476 -12.13 0.20 45.45
CA PRO A 476 -11.38 -1.05 45.52
C PRO A 476 -11.59 -1.76 46.85
N LEU A 477 -11.69 -3.08 46.76
CA LEU A 477 -11.82 -3.97 47.92
C LEU A 477 -10.68 -4.98 47.87
N LEU A 478 -9.96 -5.10 48.97
CA LEU A 478 -8.82 -6.02 49.05
C LEU A 478 -9.30 -7.39 49.54
N VAL A 479 -9.23 -8.39 48.66
CA VAL A 479 -9.54 -9.77 49.02
C VAL A 479 -8.21 -10.45 49.32
N ALA A 480 -7.94 -10.71 50.60
CA ALA A 480 -6.65 -11.19 51.05
C ALA A 480 -6.73 -12.61 51.58
N VAL A 481 -5.64 -13.36 51.38
CA VAL A 481 -5.44 -14.68 51.98
C VAL A 481 -4.32 -14.58 53.00
N LYS A 482 -4.67 -14.77 54.28
CA LYS A 482 -3.67 -14.69 55.36
C LYS A 482 -2.55 -15.69 55.14
N ALA A 483 -1.31 -15.23 55.33
CA ALA A 483 -0.17 -16.13 55.23
C ALA A 483 -0.22 -17.16 56.36
N GLU A 484 0.47 -18.28 56.13
CA GLU A 484 0.37 -19.43 57.02
C GLU A 484 0.77 -19.06 58.44
N GLY A 485 -0.14 -19.32 59.39
CA GLY A 485 0.14 -19.08 60.79
C GLY A 485 0.07 -17.64 61.26
N GLU A 486 -0.53 -16.75 60.46
CA GLU A 486 -0.63 -15.35 60.83
C GLU A 486 -2.08 -14.88 60.84
N ASP A 487 -2.35 -13.88 61.70
CA ASP A 487 -3.66 -13.23 61.80
C ASP A 487 -3.49 -11.73 61.72
N PRO A 488 -3.18 -11.19 60.53
CA PRO A 488 -3.14 -9.74 60.38
C PRO A 488 -4.53 -9.13 60.42
N SER A 489 -4.61 -7.92 60.95
CA SER A 489 -5.87 -7.20 61.03
C SER A 489 -6.10 -6.38 59.76
N GLU A 490 -7.37 -6.05 59.50
CA GLU A 490 -7.67 -5.15 58.40
C GLU A 490 -6.91 -3.83 58.54
N ALA A 491 -6.87 -3.30 59.77
CA ALA A 491 -6.30 -1.98 60.00
C ALA A 491 -4.83 -1.90 59.59
N GLU A 492 -4.02 -2.91 59.94
CA GLU A 492 -2.60 -2.83 59.61
C GLU A 492 -2.36 -3.08 58.11
N LEU A 493 -3.14 -3.97 57.49
CA LEU A 493 -2.97 -4.21 56.06
C LEU A 493 -3.28 -2.94 55.27
N LEU A 494 -4.29 -2.18 55.69
CA LEU A 494 -4.60 -0.93 55.00
C LEU A 494 -3.54 0.13 55.27
N GLU A 495 -3.01 0.16 56.49
CA GLU A 495 -1.94 1.08 56.85
C GLU A 495 -0.64 0.80 56.08
N PHE A 496 -0.45 -0.43 55.61
CA PHE A 496 0.72 -0.75 54.82
C PHE A 496 0.76 0.01 53.48
N PHE A 497 -0.38 0.51 52.98
CA PHE A 497 -0.40 1.28 51.73
C PHE A 497 0.08 2.71 51.91
N ASP A 498 -0.02 3.27 53.11
CA ASP A 498 0.35 4.66 53.35
C ASP A 498 1.77 4.94 52.86
N GLY A 499 1.91 5.97 52.02
CA GLY A 499 3.17 6.34 51.44
C GLY A 499 3.57 5.56 50.21
N LYS A 500 2.88 4.47 49.89
CA LYS A 500 3.17 3.68 48.71
C LYS A 500 2.25 4.01 47.53
N ILE A 501 1.28 4.88 47.73
CA ILE A 501 0.25 5.23 46.74
C ILE A 501 -0.60 6.33 47.36
N ALA A 502 -1.22 7.18 46.53
CA ALA A 502 -2.08 8.24 47.05
C ALA A 502 -3.13 7.64 47.97
N LYS A 503 -3.38 8.30 49.10
CA LYS A 503 -4.24 7.68 50.11
C LYS A 503 -5.66 7.49 49.60
N TRP A 504 -6.14 8.31 48.65
CA TRP A 504 -7.48 8.11 48.12
C TRP A 504 -7.59 6.89 47.21
N GLN A 505 -6.48 6.28 46.82
CA GLN A 505 -6.49 5.04 46.05
C GLN A 505 -6.49 3.78 46.91
N VAL A 506 -6.26 3.89 48.22
CA VAL A 506 -6.17 2.72 49.10
C VAL A 506 -7.52 2.01 49.16
N PRO A 507 -7.56 0.68 49.14
CA PRO A 507 -8.85 -0.03 49.23
C PRO A 507 -9.66 0.37 50.46
N ASP A 508 -10.98 0.41 50.30
CA ASP A 508 -11.84 0.86 51.39
C ASP A 508 -11.92 -0.18 52.52
N LYS A 509 -11.92 -1.47 52.19
CA LYS A 509 -12.08 -2.54 53.16
C LYS A 509 -11.25 -3.75 52.75
N VAL A 510 -10.98 -4.60 53.74
CA VAL A 510 -10.28 -5.87 53.55
C VAL A 510 -11.25 -7.00 53.89
N VAL A 511 -11.27 -8.03 53.05
CA VAL A 511 -11.96 -9.27 53.38
C VAL A 511 -10.99 -10.44 53.26
N PHE A 512 -11.09 -11.38 54.20
CA PHE A 512 -10.23 -12.55 54.21
C PHE A 512 -10.97 -13.76 53.62
N VAL A 513 -10.25 -14.58 52.85
CA VAL A 513 -10.77 -15.83 52.30
C VAL A 513 -9.71 -16.91 52.41
N ASP A 514 -10.14 -18.17 52.27
CA ASP A 514 -9.23 -19.30 52.32
C ASP A 514 -8.30 -19.34 51.11
N ALA A 515 -8.87 -19.20 49.91
CA ALA A 515 -8.09 -19.21 48.67
C ALA A 515 -8.78 -18.33 47.64
N LEU A 516 -8.05 -17.98 46.65
CA LEU A 516 -8.72 -17.19 45.61
C LEU A 516 -9.29 -18.11 44.54
N PRO A 517 -10.50 -17.83 44.06
CA PRO A 517 -11.04 -18.58 42.93
C PRO A 517 -10.07 -18.58 41.77
N LEU A 518 -9.72 -19.78 41.30
CA LEU A 518 -8.65 -19.93 40.33
C LEU A 518 -9.21 -20.44 39.02
N ASN A 519 -8.40 -20.28 37.98
CA ASN A 519 -8.64 -20.87 36.68
C ASN A 519 -7.62 -21.97 36.44
N ALA A 520 -8.02 -22.98 35.66
CA ALA A 520 -7.06 -23.99 35.21
C ALA A 520 -5.85 -23.34 34.54
N THR A 521 -6.05 -22.12 34.16
CA THR A 521 -5.04 -21.32 33.60
C THR A 521 -4.12 -20.92 34.76
N GLY A 522 -4.68 -20.87 35.96
CA GLY A 522 -3.93 -20.49 37.13
C GLY A 522 -4.44 -19.18 37.72
N ALA A 523 -4.43 -18.11 36.93
CA ALA A 523 -4.87 -16.76 37.33
C ALA A 523 -6.25 -16.61 37.98
N VAL A 524 -6.50 -15.45 38.58
CA VAL A 524 -7.74 -15.20 39.31
C VAL A 524 -9.02 -14.85 38.55
N LEU A 525 -10.14 -15.43 38.96
CA LEU A 525 -11.41 -15.16 38.29
C LEU A 525 -12.10 -14.02 39.02
N LYS A 526 -11.70 -12.80 38.66
CA LYS A 526 -12.09 -11.60 39.39
C LYS A 526 -13.58 -11.32 39.30
N ARG A 527 -14.27 -12.17 38.54
CA ARG A 527 -15.70 -12.07 38.24
C ARG A 527 -16.57 -12.57 39.32
N LYS A 528 -16.19 -13.70 39.85
CA LYS A 528 -16.94 -14.25 40.98
C LYS A 528 -16.59 -13.53 42.28
N LEU A 529 -15.35 -13.04 42.40
CA LEU A 529 -15.04 -12.10 43.47
C LEU A 529 -16.06 -10.95 43.51
N ARG A 530 -16.22 -10.25 42.38
CA ARG A 530 -17.13 -9.11 42.30
C ARG A 530 -18.56 -9.51 42.66
N ASP A 531 -18.99 -10.69 42.19
CA ASP A 531 -20.34 -11.16 42.49
C ASP A 531 -20.51 -11.45 43.98
N GLU A 532 -19.57 -12.22 44.54
CA GLU A 532 -19.64 -12.63 45.93
C GLU A 532 -19.57 -11.44 46.88
N PHE A 533 -18.82 -10.40 46.51
CA PHE A 533 -18.68 -9.24 47.38
C PHE A 533 -19.42 -8.05 46.76
N LYS A 534 -20.68 -8.28 46.40
CA LYS A 534 -21.51 -7.28 45.74
C LYS A 534 -21.73 -6.06 46.64
N ASP A 535 -22.01 -6.30 47.93
CA ASP A 535 -22.45 -5.25 48.86
C ASP A 535 -21.42 -4.97 49.94
N ALA A 536 -20.13 -5.16 49.64
CA ALA A 536 -19.12 -5.01 50.69
C ALA A 536 -19.07 -3.59 51.23
N LEU A 537 -19.37 -2.59 50.39
CA LEU A 537 -19.20 -1.19 50.79
C LEU A 537 -20.51 -0.41 50.79
N THR A 538 -21.65 -1.09 50.92
CA THR A 538 -22.95 -0.41 50.92
C THR A 538 -23.66 -0.56 52.28
N MET B 1 -10.81 -25.24 4.32
CA MET B 1 -11.08 -24.44 5.51
C MET B 1 -10.71 -22.99 5.24
N LEU B 2 -11.64 -22.08 5.52
CA LEU B 2 -11.42 -20.66 5.30
C LEU B 2 -10.80 -20.02 6.54
N GLY B 3 -10.16 -18.87 6.34
CA GLY B 3 -9.71 -18.07 7.46
C GLY B 3 -10.87 -17.50 8.26
N GLN B 4 -10.55 -16.95 9.44
CA GLN B 4 -11.58 -16.37 10.29
C GLN B 4 -11.27 -14.89 10.56
N MET B 5 -11.05 -14.16 9.48
CA MET B 5 -10.83 -12.72 9.46
C MET B 5 -12.10 -11.99 9.02
N MET B 6 -12.24 -10.75 9.50
CA MET B 6 -13.28 -9.88 8.95
C MET B 6 -13.10 -9.77 7.44
N THR B 7 -14.19 -9.93 6.71
CA THR B 7 -14.16 -9.88 5.26
C THR B 7 -15.15 -8.80 4.81
N GLN B 8 -14.62 -7.68 4.34
CA GLN B 8 -15.26 -6.50 3.80
C GLN B 8 -14.89 -6.33 2.34
N PRO B 9 -15.79 -5.84 1.49
CA PRO B 9 -15.40 -5.52 0.11
C PRO B 9 -14.47 -4.32 0.06
N LEU B 10 -13.58 -4.32 -0.93
CA LEU B 10 -12.72 -3.16 -1.21
C LEU B 10 -13.53 -2.14 -1.99
N LEU B 11 -13.82 -0.99 -1.38
CA LEU B 11 -14.75 -0.02 -1.95
C LEU B 11 -14.07 1.33 -2.16
N ILE B 12 -14.39 1.97 -3.28
CA ILE B 12 -13.96 3.36 -3.50
C ILE B 12 -14.47 4.27 -2.39
N SER B 13 -15.66 3.98 -1.83
CA SER B 13 -16.19 4.84 -0.76
C SER B 13 -15.38 4.69 0.53
N SER B 14 -14.73 3.54 0.74
CA SER B 14 -13.83 3.38 1.88
C SER B 14 -12.63 4.30 1.79
N LEU B 15 -12.19 4.64 0.57
CA LEU B 15 -11.06 5.54 0.43
C LEU B 15 -11.41 6.94 0.95
N ILE B 16 -12.52 7.51 0.47
CA ILE B 16 -12.94 8.85 0.90
C ILE B 16 -13.31 8.84 2.38
N ASP B 17 -13.90 7.75 2.87
CA ASP B 17 -14.23 7.66 4.30
C ASP B 17 -12.97 7.69 5.15
N HIS B 18 -11.89 7.07 4.68
CA HIS B 18 -10.64 7.09 5.43
C HIS B 18 -9.99 8.47 5.39
N ALA B 19 -10.04 9.13 4.23
CA ALA B 19 -9.52 10.48 4.15
C ALA B 19 -10.30 11.41 5.07
N ALA B 20 -11.63 11.25 5.12
CA ALA B 20 -12.43 12.17 5.91
C ALA B 20 -12.20 11.96 7.41
N ARG B 21 -12.07 10.71 7.85
CA ARG B 21 -11.89 10.42 9.28
C ARG B 21 -10.53 10.90 9.78
N TYR B 22 -9.46 10.55 9.07
CA TYR B 22 -8.11 10.69 9.59
C TYR B 22 -7.29 11.76 8.89
N HIS B 23 -7.85 12.46 7.88
CA HIS B 23 -7.18 13.56 7.21
C HIS B 23 -8.19 14.66 6.87
N GLY B 24 -9.19 14.86 7.73
CA GLY B 24 -10.31 15.71 7.39
C GLY B 24 -9.95 17.16 7.10
N GLN B 25 -8.94 17.69 7.78
CA GLN B 25 -8.51 19.08 7.64
C GLN B 25 -7.36 19.27 6.67
N THR B 26 -6.86 18.21 6.06
CA THR B 26 -5.75 18.32 5.11
C THR B 26 -6.23 19.02 3.85
N GLU B 27 -5.50 20.02 3.39
CA GLU B 27 -6.06 21.00 2.48
C GLU B 27 -5.96 20.59 1.01
N ILE B 28 -7.00 20.93 0.25
CA ILE B 28 -7.04 20.73 -1.19
C ILE B 28 -7.34 22.07 -1.84
N VAL B 29 -6.47 22.48 -2.77
CA VAL B 29 -6.60 23.77 -3.44
C VAL B 29 -7.23 23.51 -4.80
N SER B 30 -8.20 24.36 -5.17
CA SER B 30 -9.03 24.09 -6.35
C SER B 30 -9.20 25.38 -7.15
N VAL B 31 -8.59 25.41 -8.33
CA VAL B 31 -8.70 26.55 -9.24
C VAL B 31 -10.01 26.40 -10.04
N GLU B 32 -10.91 27.37 -9.90
CA GLU B 32 -12.24 27.27 -10.47
C GLU B 32 -12.34 28.00 -11.81
N THR B 33 -13.34 27.62 -12.59
CA THR B 33 -13.57 28.30 -13.87
C THR B 33 -14.03 29.73 -13.66
N ASP B 34 -14.74 30.03 -12.56
CA ASP B 34 -15.18 31.41 -12.34
C ASP B 34 -14.03 32.37 -11.99
N GLY B 35 -12.75 32.00 -12.11
CA GLY B 35 -11.64 32.89 -11.82
C GLY B 35 -11.26 33.04 -10.36
N THR B 36 -11.79 32.20 -9.45
CA THR B 36 -11.41 32.22 -8.05
C THR B 36 -10.76 30.90 -7.68
N VAL B 37 -10.24 30.83 -6.45
CA VAL B 37 -9.58 29.65 -5.91
C VAL B 37 -10.31 29.23 -4.65
N THR B 38 -10.70 27.96 -4.58
CA THR B 38 -11.34 27.41 -3.39
C THR B 38 -10.27 26.73 -2.53
N ARG B 39 -10.29 27.02 -1.24
CA ARG B 39 -9.50 26.27 -0.26
C ARG B 39 -10.45 25.34 0.47
N THR B 40 -10.29 24.04 0.24
CA THR B 40 -11.18 23.05 0.84
C THR B 40 -10.28 21.99 1.49
N ASN B 41 -10.84 20.82 1.81
CA ASN B 41 -10.08 19.77 2.48
C ASN B 41 -10.82 18.45 2.28
N TRP B 42 -10.17 17.35 2.68
CA TRP B 42 -10.76 16.02 2.44
C TRP B 42 -12.11 15.88 3.12
N GLY B 43 -12.26 16.47 4.32
CA GLY B 43 -13.53 16.37 5.02
C GLY B 43 -14.69 17.01 4.26
N GLU B 44 -14.46 18.18 3.69
CA GLU B 44 -15.52 18.84 2.92
C GLU B 44 -15.84 18.08 1.64
N ILE B 45 -14.80 17.67 0.91
CA ILE B 45 -15.01 16.87 -0.30
C ILE B 45 -15.85 15.66 0.03
N ALA B 46 -15.55 15.02 1.17
CA ALA B 46 -16.24 13.79 1.54
C ALA B 46 -17.70 14.04 1.94
N ALA B 47 -17.95 15.10 2.72
CA ALA B 47 -19.34 15.43 3.06
C ALA B 47 -20.13 15.86 1.82
N ASN B 48 -19.51 16.64 0.92
CA ASN B 48 -20.19 16.99 -0.34
C ASN B 48 -20.44 15.73 -1.17
N ALA B 49 -19.46 14.84 -1.23
CA ALA B 49 -19.62 13.62 -2.03
C ALA B 49 -20.75 12.76 -1.49
N ARG B 50 -20.89 12.71 -0.17
CA ARG B 50 -21.98 11.96 0.44
C ARG B 50 -23.34 12.54 0.05
N ARG B 51 -23.48 13.86 0.17
CA ARG B 51 -24.73 14.52 -0.18
C ARG B 51 -25.02 14.38 -1.68
N MET B 52 -24.00 14.46 -2.53
CA MET B 52 -24.27 14.35 -3.95
C MET B 52 -24.67 12.93 -4.32
N GLY B 53 -24.05 11.93 -3.69
CA GLY B 53 -24.47 10.56 -3.93
C GLY B 53 -25.92 10.34 -3.54
N SER B 54 -26.35 10.95 -2.44
CA SER B 54 -27.75 10.88 -2.04
C SER B 54 -28.64 11.56 -3.07
N ALA B 55 -28.27 12.76 -3.51
CA ALA B 55 -29.09 13.48 -4.48
C ALA B 55 -29.28 12.65 -5.74
N LEU B 56 -28.18 12.10 -6.28
CA LEU B 56 -28.27 11.26 -7.48
C LEU B 56 -29.14 10.04 -7.24
N THR B 57 -29.01 9.40 -6.08
CA THR B 57 -29.88 8.26 -5.79
C THR B 57 -31.35 8.68 -5.78
N LYS B 58 -31.64 9.89 -5.27
CA LYS B 58 -33.01 10.40 -5.20
C LYS B 58 -33.61 10.66 -6.58
N LEU B 59 -32.79 10.82 -7.61
CA LEU B 59 -33.30 10.99 -8.96
C LEU B 59 -33.94 9.72 -9.50
N GLY B 60 -33.68 8.58 -8.87
CA GLY B 60 -34.18 7.31 -9.38
C GLY B 60 -33.20 6.49 -10.18
N LEU B 61 -31.92 6.89 -10.24
CA LEU B 61 -30.98 6.14 -11.06
C LEU B 61 -30.85 4.69 -10.58
N GLN B 62 -30.59 3.78 -11.51
CA GLN B 62 -30.45 2.36 -11.19
C GLN B 62 -28.99 1.97 -11.01
N PRO B 63 -28.72 0.89 -10.27
CA PRO B 63 -27.32 0.55 -9.96
C PRO B 63 -26.47 0.38 -11.21
N GLN B 64 -25.30 1.00 -11.18
CA GLN B 64 -24.29 1.00 -12.25
C GLN B 64 -24.76 1.73 -13.51
N ASP B 65 -25.81 2.56 -13.42
CA ASP B 65 -26.02 3.57 -14.46
C ASP B 65 -24.80 4.46 -14.56
N ARG B 66 -24.49 4.90 -15.79
CA ARG B 66 -23.30 5.70 -16.03
C ARG B 66 -23.55 7.18 -15.72
N ILE B 67 -22.65 7.78 -14.94
CA ILE B 67 -22.63 9.22 -14.70
C ILE B 67 -21.49 9.83 -15.53
N GLY B 68 -21.82 10.77 -16.41
CA GLY B 68 -20.82 11.35 -17.30
C GLY B 68 -20.29 12.66 -16.76
N THR B 69 -19.03 12.97 -17.10
CA THR B 69 -18.44 14.26 -16.77
C THR B 69 -17.65 14.78 -17.95
N LEU B 70 -17.68 16.11 -18.10
CA LEU B 70 -16.85 16.89 -19.02
C LEU B 70 -16.28 18.03 -18.18
N ALA B 71 -15.09 17.85 -17.60
CA ALA B 71 -14.69 18.77 -16.53
C ALA B 71 -13.18 18.79 -16.35
N TRP B 72 -12.69 19.92 -15.82
CA TRP B 72 -11.31 20.10 -15.39
C TRP B 72 -11.06 19.39 -14.06
N ASN B 73 -9.82 19.49 -13.56
CA ASN B 73 -9.47 18.95 -12.24
C ASN B 73 -9.80 20.02 -11.20
N ASN B 74 -10.84 19.76 -10.40
CA ASN B 74 -11.31 20.75 -9.44
C ASN B 74 -12.15 20.01 -8.42
N ARG B 75 -12.57 20.74 -7.39
CA ARG B 75 -13.16 20.07 -6.23
C ARG B 75 -14.45 19.36 -6.58
N ARG B 76 -15.26 19.95 -7.47
CA ARG B 76 -16.53 19.32 -7.84
C ARG B 76 -16.30 18.03 -8.65
N HIS B 77 -15.28 18.01 -9.50
CA HIS B 77 -14.95 16.78 -10.23
C HIS B 77 -14.51 15.69 -9.26
N LEU B 78 -13.71 16.07 -8.26
CA LEU B 78 -13.30 15.11 -7.24
C LEU B 78 -14.49 14.63 -6.42
N GLU B 79 -15.39 15.54 -6.08
CA GLU B 79 -16.60 15.12 -5.36
C GLU B 79 -17.42 14.14 -6.21
N ILE B 80 -17.45 14.33 -7.53
CA ILE B 80 -18.24 13.45 -8.39
C ILE B 80 -17.64 12.04 -8.41
N TYR B 81 -16.31 11.94 -8.59
CA TYR B 81 -15.61 10.65 -8.50
C TYR B 81 -16.16 9.76 -7.40
N TYR B 82 -16.25 10.30 -6.17
CA TYR B 82 -16.65 9.52 -5.02
C TYR B 82 -18.18 9.45 -4.89
N ALA B 83 -18.88 10.55 -5.23
CA ALA B 83 -20.35 10.53 -5.17
C ALA B 83 -20.93 9.48 -6.10
N ALA B 84 -20.39 9.35 -7.30
CA ALA B 84 -21.00 8.44 -8.27
C ALA B 84 -20.62 6.99 -7.97
N SER B 85 -19.33 6.71 -7.81
CA SER B 85 -18.91 5.34 -7.53
C SER B 85 -19.34 4.90 -6.13
N GLY B 86 -19.22 5.78 -5.14
CA GLY B 86 -19.62 5.40 -3.80
C GLY B 86 -21.09 4.99 -3.72
N ALA B 87 -21.95 5.68 -4.46
CA ALA B 87 -23.38 5.38 -4.49
C ALA B 87 -23.73 4.20 -5.39
N GLY B 88 -22.73 3.55 -5.99
CA GLY B 88 -22.97 2.38 -6.81
C GLY B 88 -23.21 2.63 -8.29
N PHE B 89 -22.97 3.85 -8.78
CA PHE B 89 -23.05 4.16 -10.20
C PHE B 89 -21.66 4.06 -10.81
N VAL B 90 -21.62 4.14 -12.14
CA VAL B 90 -20.36 4.08 -12.89
C VAL B 90 -19.93 5.51 -13.22
N CYS B 91 -18.81 5.97 -12.64
CA CYS B 91 -18.28 7.30 -12.96
C CYS B 91 -17.60 7.26 -14.32
N HIS B 92 -18.17 7.99 -15.28
CA HIS B 92 -17.70 7.93 -16.67
C HIS B 92 -17.11 9.30 -17.03
N THR B 93 -15.79 9.42 -16.90
CA THR B 93 -15.13 10.65 -17.30
C THR B 93 -14.95 10.64 -18.81
N ILE B 94 -15.29 11.77 -19.44
CA ILE B 94 -15.26 11.94 -20.89
C ILE B 94 -14.30 13.08 -21.19
N ASN B 95 -13.49 12.90 -22.24
CA ASN B 95 -12.54 13.88 -22.71
C ASN B 95 -13.23 15.00 -23.49
N PRO B 96 -13.28 16.23 -22.98
CA PRO B 96 -13.94 17.33 -23.70
C PRO B 96 -13.12 17.91 -24.84
N ARG B 97 -11.93 17.39 -25.12
CA ARG B 97 -11.15 17.86 -26.25
C ARG B 97 -11.43 17.06 -27.53
N LEU B 98 -12.29 16.05 -27.46
CA LEU B 98 -12.69 15.31 -28.64
C LEU B 98 -13.69 16.14 -29.45
N PHE B 99 -13.82 15.79 -30.74
CA PHE B 99 -14.78 16.47 -31.61
C PHE B 99 -16.21 16.30 -31.09
N PRO B 100 -17.06 17.31 -31.27
CA PRO B 100 -18.48 17.15 -30.88
C PRO B 100 -19.11 15.84 -31.35
N GLU B 101 -18.80 15.43 -32.58
CA GLU B 101 -19.38 14.20 -33.12
C GLU B 101 -18.85 12.96 -32.40
N GLN B 102 -17.60 12.98 -31.92
CA GLN B 102 -17.11 11.83 -31.14
C GLN B 102 -17.79 11.75 -29.78
N LEU B 103 -18.07 12.90 -29.16
CA LEU B 103 -18.73 12.91 -27.86
C LEU B 103 -20.13 12.33 -27.97
N VAL B 104 -20.84 12.62 -29.07
CA VAL B 104 -22.16 12.05 -29.28
C VAL B 104 -22.08 10.54 -29.32
N TYR B 105 -21.09 10.01 -30.06
CA TYR B 105 -20.94 8.56 -30.12
C TYR B 105 -20.64 7.98 -28.74
N ILE B 106 -19.66 8.56 -28.03
CA ILE B 106 -19.25 8.03 -26.72
C ILE B 106 -20.41 8.09 -25.72
N ILE B 107 -21.09 9.24 -25.64
CA ILE B 107 -22.10 9.46 -24.61
C ILE B 107 -23.30 8.54 -24.83
N ASN B 108 -23.65 8.28 -26.11
CA ASN B 108 -24.76 7.39 -26.44
C ASN B 108 -24.37 5.92 -26.31
N HIS B 109 -23.13 5.58 -26.65
CA HIS B 109 -22.65 4.20 -26.42
C HIS B 109 -22.66 3.86 -24.93
N ALA B 110 -22.22 4.79 -24.10
CA ALA B 110 -22.13 4.54 -22.66
C ALA B 110 -23.47 4.74 -21.95
N GLN B 111 -24.45 5.31 -22.64
CA GLN B 111 -25.79 5.56 -22.11
C GLN B 111 -25.75 6.30 -20.77
N ASP B 112 -24.90 7.34 -20.70
CA ASP B 112 -24.92 8.22 -19.52
C ASP B 112 -26.32 8.74 -19.30
N ARG B 113 -26.76 8.71 -18.04
CA ARG B 113 -28.03 9.29 -17.64
C ARG B 113 -27.90 10.69 -17.07
N VAL B 114 -26.70 11.07 -16.64
CA VAL B 114 -26.41 12.37 -16.07
C VAL B 114 -25.16 12.87 -16.76
N LEU B 115 -25.13 14.16 -17.11
CA LEU B 115 -23.93 14.76 -17.68
C LEU B 115 -23.60 15.97 -16.83
N PHE B 116 -22.56 15.83 -16.00
CA PHE B 116 -21.94 16.96 -15.30
C PHE B 116 -20.94 17.60 -16.25
N PHE B 117 -20.87 18.93 -16.22
CA PHE B 117 -19.90 19.59 -17.08
C PHE B 117 -19.53 20.95 -16.52
N ASP B 118 -18.34 21.42 -16.88
CA ASP B 118 -17.87 22.72 -16.44
C ASP B 118 -18.35 23.81 -17.39
N ALA B 119 -18.33 25.05 -16.89
CA ALA B 119 -18.86 26.18 -17.66
C ALA B 119 -18.15 26.34 -19.00
N THR B 120 -16.85 25.98 -19.09
CA THR B 120 -16.11 26.12 -20.34
C THR B 120 -16.82 25.42 -21.50
N PHE B 121 -17.51 24.33 -21.22
CA PHE B 121 -18.09 23.45 -22.22
C PHE B 121 -19.60 23.65 -22.37
N LEU B 122 -20.14 24.73 -21.82
CA LEU B 122 -21.56 25.05 -22.03
C LEU B 122 -21.92 25.15 -23.51
N PRO B 123 -21.20 25.91 -24.36
CA PRO B 123 -21.56 25.92 -25.78
C PRO B 123 -21.48 24.55 -26.43
N LEU B 124 -20.44 23.79 -26.10
CA LEU B 124 -20.28 22.44 -26.64
C LEU B 124 -21.49 21.57 -26.31
N VAL B 125 -21.85 21.51 -25.02
CA VAL B 125 -22.99 20.69 -24.60
C VAL B 125 -24.28 21.16 -25.27
N ALA B 126 -24.46 22.48 -25.41
CA ALA B 126 -25.69 22.99 -26.02
C ALA B 126 -25.75 22.64 -27.50
N ALA B 127 -24.61 22.58 -28.17
CA ALA B 127 -24.63 22.30 -29.60
C ALA B 127 -25.02 20.85 -29.89
N ILE B 128 -24.66 19.90 -29.03
CA ILE B 128 -24.92 18.49 -29.27
C ILE B 128 -26.08 17.94 -28.43
N ARG B 129 -26.76 18.81 -27.68
CA ARG B 129 -27.68 18.34 -26.66
C ARG B 129 -28.86 17.56 -27.25
N ASP B 130 -29.34 17.97 -28.43
CA ASP B 130 -30.49 17.29 -29.02
C ASP B 130 -30.17 15.88 -29.53
N GLN B 131 -28.88 15.52 -29.64
CA GLN B 131 -28.49 14.16 -29.97
C GLN B 131 -28.15 13.33 -28.73
N LEU B 132 -28.30 13.88 -27.53
CA LEU B 132 -28.06 13.13 -26.31
C LEU B 132 -29.38 12.74 -25.66
N THR B 133 -30.16 11.90 -26.35
CA THR B 133 -31.55 11.69 -25.96
C THR B 133 -31.69 10.82 -24.73
N GLU B 134 -30.66 10.08 -24.34
CA GLU B 134 -30.75 9.26 -23.13
C GLU B 134 -30.18 9.94 -21.89
N VAL B 135 -29.56 11.11 -22.01
CA VAL B 135 -29.18 11.89 -20.83
C VAL B 135 -30.44 12.49 -20.23
N LYS B 136 -30.72 12.16 -18.97
CA LYS B 136 -31.91 12.69 -18.29
C LYS B 136 -31.62 13.94 -17.47
N HIS B 137 -30.35 14.23 -17.17
CA HIS B 137 -30.01 15.38 -16.34
C HIS B 137 -28.71 16.00 -16.83
N PHE B 138 -28.79 17.27 -17.24
CA PHE B 138 -27.63 18.09 -17.58
C PHE B 138 -27.35 19.01 -16.39
N VAL B 139 -26.14 18.93 -15.84
CA VAL B 139 -25.84 19.60 -14.55
C VAL B 139 -24.60 20.46 -14.72
N LEU B 140 -24.78 21.77 -14.82
CA LEU B 140 -23.65 22.70 -14.73
C LEU B 140 -22.97 22.52 -13.38
N MET B 141 -21.64 22.39 -13.39
CA MET B 141 -20.89 22.24 -12.13
C MET B 141 -20.68 23.63 -11.52
N GLY B 142 -21.79 24.20 -11.05
CA GLY B 142 -21.79 25.54 -10.52
C GLY B 142 -23.14 25.93 -9.97
N PRO B 143 -23.33 27.24 -9.70
CA PRO B 143 -24.63 27.72 -9.23
C PRO B 143 -25.55 28.12 -10.38
N ARG B 144 -26.79 28.51 -10.06
CA ARG B 144 -27.75 28.88 -11.09
C ARG B 144 -27.22 30.02 -11.95
N ASN B 145 -27.39 29.89 -13.27
CA ASN B 145 -26.96 30.92 -14.21
C ASN B 145 -28.03 31.07 -15.28
N GLU B 146 -28.56 32.28 -15.44
CA GLU B 146 -29.68 32.49 -16.35
C GLU B 146 -29.24 32.33 -17.79
N ASP B 147 -28.10 32.93 -18.14
CA ASP B 147 -27.57 32.77 -19.48
C ASP B 147 -27.43 31.30 -19.85
N ALA B 148 -26.88 30.49 -18.94
CA ALA B 148 -26.73 29.06 -19.20
C ALA B 148 -28.10 28.40 -19.34
N LEU B 149 -29.06 28.77 -18.48
CA LEU B 149 -30.38 28.18 -18.56
C LEU B 149 -31.04 28.51 -19.90
N GLN B 150 -30.70 29.68 -20.46
CA GLN B 150 -31.19 30.03 -21.78
C GLN B 150 -30.64 29.09 -22.85
N GLN B 151 -29.34 28.77 -22.77
CA GLN B 151 -28.72 27.90 -23.77
C GLN B 151 -29.25 26.48 -23.67
N ILE B 152 -29.46 25.99 -22.46
CA ILE B 152 -29.92 24.62 -22.25
C ILE B 152 -31.17 24.67 -21.37
N PRO B 153 -32.37 24.73 -21.97
CA PRO B 153 -33.59 24.68 -21.16
C PRO B 153 -33.64 23.38 -20.36
N GLY B 154 -34.10 23.50 -19.12
CA GLY B 154 -34.11 22.36 -18.22
C GLY B 154 -32.77 22.04 -17.60
N LEU B 155 -31.76 22.90 -17.81
CA LEU B 155 -30.46 22.72 -17.16
C LEU B 155 -30.61 22.72 -15.64
N GLU B 156 -29.82 21.89 -14.98
CA GLU B 156 -29.79 21.87 -13.52
C GLU B 156 -28.42 22.33 -13.04
N PHE B 157 -28.29 22.52 -11.72
CA PHE B 157 -27.13 23.23 -11.18
C PHE B 157 -26.58 22.49 -9.97
N TYR B 158 -25.29 22.13 -10.05
CA TYR B 158 -24.65 21.30 -9.03
C TYR B 158 -24.88 21.83 -7.62
N ASP B 159 -24.81 23.15 -7.44
CA ASP B 159 -24.91 23.73 -6.10
C ASP B 159 -26.35 23.77 -5.59
N GLU B 160 -27.35 23.53 -6.45
CA GLU B 160 -28.73 23.32 -6.01
C GLU B 160 -29.03 21.83 -5.81
N LEU B 161 -28.57 20.99 -6.74
CA LEU B 161 -28.86 19.56 -6.65
C LEU B 161 -28.28 18.96 -5.37
N ILE B 162 -27.12 19.45 -4.92
CA ILE B 162 -26.49 18.87 -3.74
C ILE B 162 -27.33 19.16 -2.49
N GLU B 163 -28.09 20.26 -2.47
CA GLU B 163 -28.97 20.54 -1.33
C GLU B 163 -30.16 19.59 -1.25
N THR B 164 -30.50 18.84 -2.31
CA THR B 164 -31.51 17.81 -2.20
C THR B 164 -31.01 16.54 -1.50
N GLY B 165 -29.71 16.44 -1.21
CA GLY B 165 -29.18 15.21 -0.65
C GLY B 165 -29.34 15.16 0.87
N ASP B 166 -29.60 13.95 1.36
CA ASP B 166 -29.73 13.72 2.79
C ASP B 166 -28.39 13.91 3.49
N THR B 167 -28.45 14.57 4.63
CA THR B 167 -27.26 14.83 5.43
C THR B 167 -26.67 13.57 6.06
N ASP B 168 -27.46 12.50 6.22
CA ASP B 168 -27.05 11.26 6.88
C ASP B 168 -27.04 10.07 5.91
N PHE B 169 -26.67 10.30 4.66
CA PHE B 169 -26.68 9.22 3.67
C PHE B 169 -25.57 8.21 3.96
N GLU B 170 -25.93 6.92 3.92
CA GLU B 170 -25.00 5.81 4.11
C GLU B 170 -24.71 5.16 2.76
N TRP B 171 -23.42 5.02 2.42
CA TRP B 171 -23.05 4.42 1.15
C TRP B 171 -23.60 2.99 1.07
N PRO B 172 -24.16 2.58 -0.08
CA PRO B 172 -24.51 1.17 -0.24
C PRO B 172 -23.28 0.27 -0.18
N VAL B 173 -23.49 -0.97 0.27
CA VAL B 173 -22.46 -2.00 0.30
C VAL B 173 -22.76 -2.99 -0.82
N PHE B 174 -21.74 -3.37 -1.59
CA PHE B 174 -21.93 -4.26 -2.72
C PHE B 174 -20.61 -4.98 -3.05
N ASP B 175 -20.73 -6.03 -3.87
CA ASP B 175 -19.58 -6.79 -4.33
C ASP B 175 -18.48 -5.88 -4.84
N GLU B 176 -17.24 -6.13 -4.38
CA GLU B 176 -16.10 -5.31 -4.80
C GLU B 176 -15.79 -5.43 -6.29
N ASN B 177 -16.25 -6.49 -6.94
CA ASN B 177 -16.08 -6.59 -8.39
C ASN B 177 -17.16 -5.86 -9.18
N THR B 178 -18.04 -5.13 -8.50
CA THR B 178 -19.01 -4.28 -9.18
C THR B 178 -18.28 -3.23 -10.03
N ALA B 179 -18.86 -2.92 -11.19
CA ALA B 179 -18.26 -1.91 -12.06
C ALA B 179 -18.29 -0.55 -11.35
N SER B 180 -17.23 0.22 -11.53
CA SER B 180 -17.07 1.46 -10.77
C SER B 180 -16.93 2.69 -11.63
N SER B 181 -16.33 2.57 -12.80
CA SER B 181 -15.95 3.72 -13.60
C SER B 181 -15.68 3.22 -15.00
N LEU B 182 -15.63 4.15 -15.93
CA LEU B 182 -15.55 3.80 -17.35
C LEU B 182 -14.77 4.90 -18.05
N CYS B 183 -13.75 4.51 -18.83
CA CYS B 183 -12.97 5.44 -19.64
C CYS B 183 -12.90 4.89 -21.06
N TYR B 184 -13.11 5.76 -22.07
CA TYR B 184 -13.02 5.34 -23.47
C TYR B 184 -11.65 5.66 -24.03
N THR B 185 -11.10 4.72 -24.82
CA THR B 185 -9.79 4.91 -25.43
C THR B 185 -9.85 4.52 -26.90
N SER B 186 -9.24 5.36 -27.73
CA SER B 186 -9.35 5.16 -29.17
C SER B 186 -7.98 4.99 -29.79
N GLY B 187 -7.71 5.81 -30.80
CA GLY B 187 -6.60 5.56 -31.69
C GLY B 187 -7.04 4.64 -32.81
N THR B 188 -6.28 3.59 -33.04
CA THR B 188 -6.64 2.61 -34.06
C THR B 188 -7.07 1.31 -33.39
N THR B 189 -8.04 0.62 -33.99
CA THR B 189 -8.72 1.09 -35.19
C THR B 189 -10.21 1.30 -34.87
N GLY B 190 -10.87 2.24 -35.57
CA GLY B 190 -12.31 2.35 -35.45
C GLY B 190 -12.78 3.21 -34.30
N HIS B 191 -14.00 2.95 -33.82
CA HIS B 191 -14.57 3.76 -32.75
C HIS B 191 -13.86 3.48 -31.41
N PRO B 192 -13.78 4.49 -30.53
CA PRO B 192 -13.18 4.25 -29.21
C PRO B 192 -13.94 3.18 -28.45
N LYS B 193 -13.21 2.50 -27.57
CA LYS B 193 -13.77 1.41 -26.77
C LYS B 193 -13.65 1.73 -25.29
N GLY B 194 -14.54 1.14 -24.50
CA GLY B 194 -14.69 1.48 -23.10
C GLY B 194 -13.98 0.48 -22.21
N VAL B 195 -13.22 1.01 -21.25
CA VAL B 195 -12.59 0.23 -20.19
C VAL B 195 -13.44 0.38 -18.94
N LEU B 196 -13.98 -0.73 -18.43
CA LEU B 196 -14.91 -0.71 -17.30
C LEU B 196 -14.22 -1.26 -16.05
N TYR B 197 -13.72 -0.35 -15.20
CA TYR B 197 -13.01 -0.71 -13.97
C TYR B 197 -13.99 -1.16 -12.89
N SER B 198 -13.42 -1.77 -11.84
CA SER B 198 -14.18 -2.19 -10.68
C SER B 198 -13.60 -1.54 -9.42
N HIS B 199 -14.40 -1.55 -8.35
CA HIS B 199 -13.91 -1.07 -7.05
C HIS B 199 -12.68 -1.85 -6.60
N ARG B 200 -12.71 -3.18 -6.73
CA ARG B 200 -11.54 -4.00 -6.40
C ARG B 200 -10.31 -3.59 -7.21
N SER B 201 -10.44 -3.47 -8.53
CA SER B 201 -9.27 -3.15 -9.35
C SER B 201 -8.73 -1.77 -8.96
N THR B 202 -9.62 -0.82 -8.68
CA THR B 202 -9.21 0.54 -8.32
C THR B 202 -8.45 0.57 -7.00
N VAL B 203 -8.94 -0.14 -5.98
CA VAL B 203 -8.28 -0.09 -4.68
C VAL B 203 -6.93 -0.81 -4.74
N LEU B 204 -6.86 -1.92 -5.46
CA LEU B 204 -5.61 -2.66 -5.60
C LEU B 204 -4.55 -1.82 -6.33
N HIS B 205 -4.94 -1.17 -7.42
CA HIS B 205 -4.04 -0.26 -8.11
C HIS B 205 -3.58 0.86 -7.18
N SER B 206 -4.49 1.37 -6.34
CA SER B 206 -4.13 2.42 -5.40
C SER B 206 -3.06 1.95 -4.42
N PHE B 207 -3.22 0.74 -3.85
CA PHE B 207 -2.21 0.18 -2.96
C PHE B 207 -0.85 0.16 -3.63
N ALA B 208 -0.80 -0.38 -4.86
CA ALA B 208 0.47 -0.50 -5.56
C ALA B 208 1.07 0.85 -5.86
N SER B 209 0.24 1.82 -6.27
CA SER B 209 0.77 3.14 -6.60
C SER B 209 1.37 3.83 -5.38
N ASN B 210 0.91 3.45 -4.18
CA ASN B 210 1.37 4.09 -2.95
C ASN B 210 2.59 3.41 -2.32
N THR B 211 3.22 2.45 -2.98
CA THR B 211 4.51 1.94 -2.49
C THR B 211 5.61 2.93 -2.88
N ARG B 212 6.78 2.75 -2.25
CA ARG B 212 7.86 3.72 -2.41
C ARG B 212 8.44 3.71 -3.83
N ASP B 213 8.55 2.54 -4.46
CA ASP B 213 9.23 2.47 -5.76
C ASP B 213 8.28 2.67 -6.94
N VAL B 214 7.05 3.12 -6.70
CA VAL B 214 6.20 3.47 -7.84
C VAL B 214 5.96 4.98 -7.79
N ILE B 215 4.96 5.43 -7.02
CA ILE B 215 4.74 6.85 -6.78
C ILE B 215 4.86 7.09 -5.27
N GLY B 216 3.93 6.52 -4.50
CA GLY B 216 4.02 6.65 -3.05
C GLY B 216 3.61 8.01 -2.55
N TYR B 217 2.32 8.32 -2.64
CA TYR B 217 1.82 9.60 -2.17
C TYR B 217 1.88 9.63 -0.65
N SER B 218 2.40 10.73 -0.09
CA SER B 218 2.61 10.85 1.35
C SER B 218 1.68 11.91 1.93
N ALA B 219 1.42 11.82 3.23
CA ALA B 219 0.70 12.92 3.87
C ALA B 219 1.50 14.21 3.81
N MET B 220 2.83 14.13 3.70
CA MET B 220 3.66 15.33 3.54
C MET B 220 3.56 15.94 2.14
N ASP B 221 3.09 15.21 1.17
CA ASP B 221 3.08 15.73 -0.18
C ASP B 221 2.02 16.75 -0.51
N VAL B 222 2.32 17.56 -1.51
CA VAL B 222 1.41 18.53 -2.08
C VAL B 222 1.46 18.08 -3.54
N VAL B 223 0.43 17.38 -3.92
CA VAL B 223 0.29 16.77 -5.22
C VAL B 223 -0.50 17.55 -6.25
N MET B 224 0.10 17.78 -7.38
CA MET B 224 -0.58 18.51 -8.45
C MET B 224 -0.68 17.64 -9.68
N PRO B 225 -1.86 17.09 -9.97
CA PRO B 225 -2.03 16.35 -11.22
C PRO B 225 -2.37 17.27 -12.38
N VAL B 226 -1.41 17.51 -13.26
CA VAL B 226 -1.73 18.21 -14.50
C VAL B 226 -2.39 17.23 -15.48
N VAL B 227 -2.11 15.94 -15.33
CA VAL B 227 -2.82 14.95 -16.12
C VAL B 227 -4.31 15.07 -15.84
N PRO B 228 -5.16 15.08 -16.86
CA PRO B 228 -6.59 15.33 -16.63
C PRO B 228 -7.26 14.18 -15.92
N MET B 229 -8.28 14.52 -15.12
CA MET B 229 -9.16 13.56 -14.50
C MET B 229 -10.05 12.81 -15.52
N PHE B 230 -9.94 13.13 -16.82
CA PHE B 230 -10.53 12.30 -17.86
C PHE B 230 -9.48 11.49 -18.63
N HIS B 231 -8.22 11.52 -18.21
CA HIS B 231 -7.17 10.68 -18.78
C HIS B 231 -6.81 9.61 -17.73
N VAL B 232 -7.37 8.41 -17.93
CA VAL B 232 -7.30 7.27 -17.00
C VAL B 232 -7.41 7.76 -15.56
N ASN B 233 -8.42 8.59 -15.29
CA ASN B 233 -8.71 9.09 -13.95
C ASN B 233 -7.49 9.79 -13.36
N ALA B 234 -6.87 10.66 -14.16
CA ALA B 234 -5.67 11.40 -13.73
C ALA B 234 -4.64 10.43 -13.16
N TRP B 235 -4.51 9.28 -13.82
CA TRP B 235 -3.49 8.27 -13.49
C TRP B 235 -3.66 7.69 -12.10
N GLY B 236 -4.89 7.72 -11.58
CA GLY B 236 -5.20 7.13 -10.30
C GLY B 236 -5.09 8.09 -9.13
N SER B 237 -4.36 9.19 -9.27
CA SER B 237 -4.05 10.09 -8.15
C SER B 237 -5.25 10.48 -7.27
N PRO B 238 -6.47 10.66 -7.79
CA PRO B 238 -7.60 10.96 -6.87
C PRO B 238 -7.90 9.83 -5.89
N TYR B 239 -7.59 8.60 -6.25
CA TYR B 239 -7.74 7.48 -5.32
C TYR B 239 -6.50 7.30 -4.46
N GLY B 240 -5.31 7.37 -5.06
CA GLY B 240 -4.09 7.22 -4.29
C GLY B 240 -3.90 8.32 -3.25
N CYS B 241 -4.26 9.56 -3.60
CA CYS B 241 -4.14 10.65 -2.64
C CYS B 241 -5.14 10.54 -1.50
N ALA B 242 -6.34 10.01 -1.76
CA ALA B 242 -7.28 9.79 -0.67
C ALA B 242 -6.78 8.72 0.29
N MET B 243 -6.20 7.63 -0.24
CA MET B 243 -5.66 6.56 0.60
C MET B 243 -4.61 7.09 1.58
N SER B 244 -3.74 8.00 1.12
CA SER B 244 -2.64 8.54 1.92
C SER B 244 -2.99 9.84 2.62
N GLY B 245 -4.11 10.47 2.30
CA GLY B 245 -4.37 11.78 2.84
C GLY B 245 -3.39 12.83 2.35
N ALA B 246 -2.99 12.74 1.08
CA ALA B 246 -2.09 13.74 0.53
C ALA B 246 -2.83 15.05 0.32
N GLN B 247 -2.10 16.15 0.43
CA GLN B 247 -2.60 17.43 -0.03
C GLN B 247 -2.60 17.47 -1.56
N MET B 248 -3.55 18.23 -2.12
CA MET B 248 -3.69 18.30 -3.57
C MET B 248 -3.86 19.75 -4.01
N VAL B 249 -3.28 20.05 -5.17
CA VAL B 249 -3.54 21.29 -5.88
C VAL B 249 -4.18 20.90 -7.20
N LEU B 250 -5.42 21.35 -7.40
CA LEU B 250 -6.19 20.96 -8.59
C LEU B 250 -6.23 22.13 -9.56
N PRO B 251 -5.61 22.02 -10.75
CA PRO B 251 -5.24 23.23 -11.50
C PRO B 251 -6.34 23.88 -12.33
N GLY B 252 -7.50 23.26 -12.52
CA GLY B 252 -8.53 23.86 -13.36
C GLY B 252 -8.17 24.04 -14.82
N PRO B 253 -8.66 25.13 -15.44
CA PRO B 253 -8.51 25.28 -16.90
C PRO B 253 -7.13 25.74 -17.39
N ASP B 254 -6.34 26.44 -16.57
CA ASP B 254 -5.10 27.08 -17.03
C ASP B 254 -3.92 26.13 -16.81
N LEU B 255 -3.46 25.49 -17.90
CA LEU B 255 -2.39 24.49 -17.83
C LEU B 255 -1.15 24.89 -18.59
N HIS B 256 -1.09 26.13 -19.09
CA HIS B 256 0.13 26.61 -19.72
C HIS B 256 1.23 26.80 -18.68
N GLY B 257 2.46 26.93 -19.18
CA GLY B 257 3.63 26.89 -18.31
C GLY B 257 3.60 27.94 -17.21
N GLU B 258 3.20 29.17 -17.55
CA GLU B 258 3.23 30.24 -16.56
C GLU B 258 2.25 29.96 -15.43
N ALA B 259 1.06 29.42 -15.76
CA ALA B 259 0.12 29.06 -14.71
C ALA B 259 0.67 27.97 -13.79
N LEU B 260 1.40 27.00 -14.36
CA LEU B 260 1.88 25.86 -13.57
C LEU B 260 3.00 26.27 -12.62
N VAL B 261 3.96 27.05 -13.13
CA VAL B 261 5.00 27.62 -12.28
C VAL B 261 4.39 28.39 -11.11
N ASN B 262 3.34 29.18 -11.38
CA ASN B 262 2.77 29.98 -10.30
C ASN B 262 2.06 29.11 -9.27
N LEU B 263 1.39 28.05 -9.71
CA LEU B 263 0.79 27.11 -8.76
C LEU B 263 1.85 26.47 -7.88
N ILE B 264 2.97 26.04 -8.48
CA ILE B 264 4.01 25.35 -7.72
C ILE B 264 4.60 26.27 -6.65
N ASP B 265 4.83 27.53 -7.01
CA ASP B 265 5.45 28.47 -6.08
C ASP B 265 4.45 29.03 -5.08
N THR B 266 3.18 29.18 -5.46
CA THR B 266 2.20 29.75 -4.54
C THR B 266 1.73 28.74 -3.50
N TYR B 267 1.50 27.50 -3.90
CA TYR B 267 0.96 26.48 -3.00
C TYR B 267 1.99 25.40 -2.66
N GLY B 268 3.25 25.62 -2.96
CA GLY B 268 4.31 24.72 -2.52
C GLY B 268 4.22 23.29 -3.01
N VAL B 269 3.92 23.07 -4.30
CA VAL B 269 3.81 21.71 -4.84
C VAL B 269 5.10 20.92 -4.62
N THR B 270 4.96 19.64 -4.21
CA THR B 270 6.12 18.76 -4.06
C THR B 270 6.17 17.64 -5.08
N LEU B 271 5.03 17.26 -5.64
CA LEU B 271 4.94 16.20 -6.61
C LEU B 271 3.96 16.64 -7.68
N ALA B 272 4.39 16.57 -8.95
CA ALA B 272 3.59 17.00 -10.09
C ALA B 272 3.64 15.93 -11.18
N MET B 273 2.54 15.82 -11.95
CA MET B 273 2.36 14.70 -12.86
C MET B 273 1.67 15.10 -14.16
N GLY B 274 2.26 14.71 -15.30
CA GLY B 274 1.64 14.95 -16.59
C GLY B 274 2.49 14.41 -17.72
N VAL B 275 1.97 14.54 -18.94
CA VAL B 275 2.66 14.03 -20.14
C VAL B 275 3.79 14.98 -20.51
N PRO B 276 4.76 14.54 -21.32
CA PRO B 276 5.91 15.41 -21.65
C PRO B 276 5.57 16.81 -22.13
N THR B 277 4.58 16.99 -23.03
CA THR B 277 4.32 18.33 -23.58
C THR B 277 3.99 19.33 -22.49
N ILE B 278 3.27 18.90 -21.46
CA ILE B 278 2.94 19.81 -20.38
C ILE B 278 4.20 20.36 -19.71
N TRP B 279 5.26 19.55 -19.63
CA TRP B 279 6.46 19.99 -18.94
C TRP B 279 7.33 20.92 -19.77
N GLN B 280 7.18 20.91 -21.11
CA GLN B 280 7.96 21.80 -21.97
C GLN B 280 7.67 23.26 -21.62
N GLY B 281 6.39 23.63 -21.57
CA GLY B 281 6.03 25.00 -21.26
C GLY B 281 6.38 25.39 -19.83
N LEU B 282 6.32 24.43 -18.91
CA LEU B 282 6.72 24.71 -17.53
C LEU B 282 8.20 25.04 -17.46
N LEU B 283 9.06 24.12 -17.94
CA LEU B 283 10.49 24.38 -17.94
C LEU B 283 10.84 25.64 -18.73
N ALA B 284 10.21 25.85 -19.88
CA ALA B 284 10.46 27.05 -20.67
C ALA B 284 10.19 28.30 -19.84
N HIS B 285 9.00 28.41 -19.25
CA HIS B 285 8.70 29.61 -18.48
C HIS B 285 9.59 29.74 -17.25
N ALA B 286 9.91 28.61 -16.60
CA ALA B 286 10.72 28.67 -15.38
C ALA B 286 12.13 29.20 -15.68
N ALA B 287 12.71 28.79 -16.80
CA ALA B 287 14.03 29.31 -17.16
C ALA B 287 14.00 30.81 -17.39
N LYS B 288 12.89 31.31 -17.95
CA LYS B 288 12.77 32.73 -18.27
C LYS B 288 12.69 33.57 -17.00
N CYS B 289 11.86 33.16 -16.04
CA CYS B 289 11.56 33.99 -14.89
C CYS B 289 12.52 33.81 -13.73
N GLY B 290 13.32 32.73 -13.73
CA GLY B 290 14.36 32.56 -12.74
C GLY B 290 13.97 31.86 -11.45
N THR B 291 12.74 31.33 -11.34
CA THR B 291 12.35 30.61 -10.13
C THR B 291 13.21 29.37 -9.94
N LYS B 292 13.37 28.96 -8.68
CA LYS B 292 14.04 27.72 -8.37
C LYS B 292 13.08 26.59 -8.05
N LEU B 293 11.77 26.83 -8.17
CA LEU B 293 10.72 25.84 -7.87
C LEU B 293 11.02 25.10 -6.56
N GLU B 294 11.31 25.89 -5.53
CA GLU B 294 12.00 25.36 -4.34
C GLU B 294 11.26 24.16 -3.74
N SER B 295 9.93 24.20 -3.71
CA SER B 295 9.18 23.13 -3.06
C SER B 295 9.15 21.83 -3.87
N LEU B 296 9.45 21.86 -5.17
CA LEU B 296 9.26 20.68 -6.01
C LEU B 296 10.33 19.63 -5.69
N GLU B 297 9.89 18.41 -5.41
CA GLU B 297 10.78 17.29 -5.13
C GLU B 297 10.85 16.27 -6.25
N ARG B 298 9.70 15.91 -6.86
CA ARG B 298 9.65 14.81 -7.81
C ARG B 298 8.63 15.12 -8.90
N THR B 299 8.80 14.46 -10.04
CA THR B 299 7.75 14.43 -11.05
C THR B 299 7.50 12.99 -11.50
N VAL B 300 6.30 12.77 -12.00
CA VAL B 300 5.93 11.51 -12.66
C VAL B 300 5.57 11.89 -14.09
N ILE B 301 6.36 11.41 -15.04
CA ILE B 301 6.22 11.78 -16.44
C ILE B 301 5.97 10.51 -17.24
N GLY B 302 4.83 10.46 -17.92
CA GLY B 302 4.44 9.31 -18.71
C GLY B 302 3.44 9.70 -19.78
N GLY B 303 2.79 8.70 -20.36
CA GLY B 303 1.85 8.91 -21.44
C GLY B 303 2.49 8.94 -22.82
N ALA B 304 3.70 9.48 -22.91
CA ALA B 304 4.59 9.32 -24.05
C ALA B 304 5.98 9.27 -23.48
N ALA B 305 6.95 8.91 -24.32
CA ALA B 305 8.30 8.74 -23.82
C ALA B 305 8.85 10.06 -23.29
N CYS B 306 9.38 10.01 -22.06
CA CYS B 306 10.01 11.19 -21.47
C CYS B 306 11.38 11.39 -22.10
N PRO B 307 11.68 12.59 -22.59
CA PRO B 307 12.98 12.82 -23.24
C PRO B 307 14.10 12.74 -22.21
N PRO B 308 15.21 12.06 -22.54
CA PRO B 308 16.31 11.99 -21.58
C PRO B 308 16.81 13.36 -21.15
N SER B 309 16.73 14.36 -22.03
CA SER B 309 17.16 15.71 -21.67
C SER B 309 16.19 16.39 -20.70
N MET B 310 14.94 15.94 -20.65
CA MET B 310 14.01 16.48 -19.67
C MET B 310 14.34 15.99 -18.28
N ILE B 311 14.70 14.70 -18.16
CA ILE B 311 15.14 14.16 -16.88
C ILE B 311 16.39 14.90 -16.39
N ALA B 312 17.34 15.14 -17.30
CA ALA B 312 18.59 15.75 -16.88
C ALA B 312 18.41 17.23 -16.54
N THR B 313 17.46 17.92 -17.17
CA THR B 313 17.19 19.31 -16.80
C THR B 313 16.59 19.40 -15.40
N PHE B 314 15.58 18.57 -15.09
CA PHE B 314 15.03 18.55 -13.74
C PHE B 314 16.09 18.19 -12.70
N ARG B 315 16.98 17.25 -13.03
CA ARG B 315 17.99 16.85 -12.06
C ARG B 315 19.07 17.92 -11.89
N GLU B 316 19.65 18.39 -13.00
CA GLU B 316 20.79 19.30 -12.90
C GLU B 316 20.39 20.69 -12.44
N LYS B 317 19.25 21.20 -12.92
CA LYS B 317 18.90 22.60 -12.66
C LYS B 317 18.10 22.80 -11.36
N TYR B 318 17.30 21.83 -10.96
CA TYR B 318 16.44 22.02 -9.80
C TYR B 318 16.63 21.00 -8.67
N GLY B 319 17.45 19.97 -8.87
CA GLY B 319 17.54 18.89 -7.91
C GLY B 319 16.25 18.10 -7.77
N VAL B 320 15.53 17.89 -8.85
CA VAL B 320 14.23 17.25 -8.86
C VAL B 320 14.37 15.89 -9.53
N ASP B 321 13.77 14.86 -8.93
CA ASP B 321 13.88 13.50 -9.47
C ASP B 321 12.66 13.18 -10.34
N THR B 322 12.91 12.83 -11.59
CA THR B 322 11.85 12.45 -12.52
C THR B 322 11.66 10.93 -12.50
N VAL B 323 10.45 10.48 -12.21
CA VAL B 323 10.07 9.07 -12.27
C VAL B 323 9.38 8.85 -13.62
N HIS B 324 10.10 8.26 -14.57
CA HIS B 324 9.52 7.87 -15.86
C HIS B 324 8.58 6.68 -15.62
N ALA B 325 7.34 6.77 -16.11
CA ALA B 325 6.36 5.71 -15.87
C ALA B 325 5.63 5.39 -17.17
N TRP B 326 5.22 4.13 -17.30
CA TRP B 326 4.46 3.71 -18.48
C TRP B 326 3.17 3.02 -18.06
N GLY B 327 2.12 3.22 -18.85
CA GLY B 327 0.89 2.48 -18.65
C GLY B 327 -0.14 2.84 -19.69
N MET B 328 -1.38 2.42 -19.45
CA MET B 328 -2.45 2.46 -20.45
C MET B 328 -3.79 2.72 -19.77
N SER B 329 -4.72 3.28 -20.54
CA SER B 329 -6.13 3.26 -20.14
C SER B 329 -6.54 1.87 -19.70
N GLU B 330 -6.13 0.84 -20.44
CA GLU B 330 -6.49 -0.54 -20.13
C GLU B 330 -5.77 -1.10 -18.90
N MET B 331 -4.84 -0.35 -18.30
CA MET B 331 -4.10 -0.82 -17.12
C MET B 331 -4.32 0.08 -15.90
N SER B 332 -5.35 0.94 -15.92
CA SER B 332 -5.86 1.64 -14.74
C SER B 332 -5.10 2.89 -14.14
N PRO B 333 -3.92 3.31 -14.67
CA PRO B 333 -3.06 3.06 -15.84
C PRO B 333 -1.74 2.29 -15.58
N LEU B 334 -1.28 2.22 -14.34
CA LEU B 334 0.15 2.07 -14.06
C LEU B 334 0.68 0.70 -14.47
N GLY B 335 1.72 0.69 -15.30
CA GLY B 335 2.42 -0.53 -15.67
C GLY B 335 3.83 -0.63 -15.11
N THR B 336 4.66 0.39 -15.29
CA THR B 336 6.05 0.34 -14.83
C THR B 336 6.47 1.71 -14.30
N ALA B 337 7.44 1.71 -13.40
CA ALA B 337 8.00 2.95 -12.90
C ALA B 337 9.51 2.79 -12.79
N ASN B 338 10.24 3.84 -13.12
CA ASN B 338 11.71 3.76 -13.13
C ASN B 338 12.23 4.31 -11.80
N ILE B 339 12.59 3.39 -10.91
CA ILE B 339 13.25 3.68 -9.63
C ILE B 339 14.41 2.71 -9.56
N PRO B 340 15.56 3.07 -8.99
CA PRO B 340 16.73 2.18 -9.03
C PRO B 340 16.53 0.86 -8.30
N LEU B 341 17.49 -0.04 -8.49
CA LEU B 341 17.69 -1.22 -7.66
C LEU B 341 18.93 -1.04 -6.78
N ALA B 342 19.08 -1.88 -5.75
CA ALA B 342 20.18 -1.70 -4.80
C ALA B 342 21.54 -1.74 -5.51
N LYS B 343 21.74 -2.70 -6.40
CA LYS B 343 23.03 -2.86 -7.06
C LYS B 343 23.40 -1.70 -7.98
N HIS B 344 22.46 -0.81 -8.32
CA HIS B 344 22.80 0.33 -9.16
C HIS B 344 23.66 1.36 -8.45
N ARG B 345 23.64 1.40 -7.11
CA ARG B 345 24.35 2.42 -6.33
C ARG B 345 25.86 2.38 -6.56
N LYS B 346 26.40 1.22 -6.88
CA LYS B 346 27.85 1.07 -7.00
C LYS B 346 28.37 1.33 -8.41
N LEU B 347 27.49 1.62 -9.36
CA LEU B 347 27.91 1.91 -10.73
C LEU B 347 28.46 3.33 -10.83
N PRO B 348 29.22 3.62 -11.89
CA PRO B 348 29.65 5.00 -12.12
C PRO B 348 28.46 5.94 -12.29
N ILE B 349 28.64 7.20 -11.87
CA ILE B 349 27.51 8.12 -11.74
C ILE B 349 26.78 8.28 -13.08
N GLU B 350 27.52 8.26 -14.19
CA GLU B 350 26.90 8.48 -15.49
C GLU B 350 26.07 7.29 -15.93
N GLU B 351 26.44 6.06 -15.54
CA GLU B 351 25.58 4.94 -15.91
C GLU B 351 24.38 4.84 -14.97
N GLN B 352 24.46 5.39 -13.75
CA GLN B 352 23.25 5.51 -12.94
C GLN B 352 22.23 6.40 -13.62
N HIS B 353 22.67 7.56 -14.12
CA HIS B 353 21.76 8.46 -14.82
C HIS B 353 21.14 7.77 -16.02
N LYS B 354 21.94 7.03 -16.80
CA LYS B 354 21.39 6.44 -18.02
C LYS B 354 20.30 5.41 -17.74
N LEU B 355 20.39 4.70 -16.63
CA LEU B 355 19.39 3.69 -16.27
C LEU B 355 18.03 4.30 -15.92
N ARG B 356 17.98 5.58 -15.55
CA ARG B 356 16.72 6.25 -15.29
C ARG B 356 15.96 6.58 -16.58
N GLU B 357 16.51 6.32 -17.75
CA GLU B 357 15.89 6.80 -18.99
C GLU B 357 14.75 5.91 -19.51
N ASN B 358 14.78 4.60 -19.26
CA ASN B 358 13.73 3.75 -19.82
C ASN B 358 12.45 3.82 -18.97
N GLN B 359 11.43 3.07 -19.40
CA GLN B 359 10.08 3.23 -18.88
C GLN B 359 9.88 2.58 -17.51
N GLY B 360 10.85 1.83 -17.00
CA GLY B 360 10.82 1.35 -15.63
C GLY B 360 10.52 -0.14 -15.52
N ARG B 361 10.25 -0.56 -14.28
CA ARG B 361 10.02 -1.95 -13.92
C ARG B 361 8.67 -2.10 -13.19
N PRO B 362 8.12 -3.31 -13.15
CA PRO B 362 6.74 -3.47 -12.65
C PRO B 362 6.67 -3.73 -11.16
N PRO B 363 5.66 -3.19 -10.49
CA PRO B 363 5.41 -3.53 -9.09
C PRO B 363 4.67 -4.85 -8.97
N PHE B 364 4.57 -5.35 -7.74
CA PHE B 364 3.70 -6.50 -7.52
C PHE B 364 2.29 -6.21 -8.00
N GLY B 365 1.65 -7.23 -8.59
CA GLY B 365 0.30 -7.11 -9.09
C GLY B 365 0.17 -6.94 -10.58
N VAL B 366 1.28 -6.90 -11.32
CA VAL B 366 1.22 -6.75 -12.76
C VAL B 366 2.45 -7.43 -13.36
N GLU B 367 2.29 -7.95 -14.57
CA GLU B 367 3.31 -8.80 -15.17
C GLU B 367 3.45 -8.42 -16.65
N LEU B 368 4.67 -8.54 -17.17
CA LEU B 368 5.00 -8.12 -18.54
C LEU B 368 5.78 -9.22 -19.25
N LYS B 369 5.52 -9.40 -20.55
CA LYS B 369 6.36 -10.27 -21.37
C LYS B 369 6.25 -9.80 -22.82
N ILE B 370 7.20 -10.25 -23.66
CA ILE B 370 7.20 -9.94 -25.09
C ILE B 370 7.10 -11.23 -25.90
N VAL B 371 6.39 -11.14 -27.04
CA VAL B 371 6.14 -12.26 -27.94
C VAL B 371 6.39 -11.84 -29.38
N ASP B 372 6.69 -12.82 -30.24
CA ASP B 372 6.98 -12.54 -31.65
C ASP B 372 5.68 -12.51 -32.46
N ASP B 373 5.81 -12.41 -33.79
CA ASP B 373 4.61 -12.29 -34.63
C ASP B 373 3.72 -13.51 -34.54
N ASP B 374 4.29 -14.70 -34.37
CA ASP B 374 3.49 -15.90 -34.19
C ASP B 374 3.00 -16.07 -32.76
N GLY B 375 3.27 -15.10 -31.87
CA GLY B 375 2.72 -15.11 -30.52
C GLY B 375 3.50 -15.88 -29.48
N ASN B 376 4.73 -16.31 -29.78
CA ASN B 376 5.48 -17.13 -28.83
C ASN B 376 6.52 -16.32 -28.08
N ASP B 377 6.83 -16.78 -26.86
CA ASP B 377 7.70 -16.04 -25.94
C ASP B 377 9.05 -15.72 -26.58
N LEU B 378 9.57 -14.52 -26.31
CA LEU B 378 10.90 -14.08 -26.69
C LEU B 378 11.77 -13.88 -25.46
N PRO B 379 13.09 -13.95 -25.60
CA PRO B 379 13.96 -13.78 -24.42
C PRO B 379 13.90 -12.36 -23.90
N HIS B 380 13.84 -12.24 -22.58
CA HIS B 380 13.91 -10.95 -21.89
C HIS B 380 15.37 -10.57 -21.69
N ASP B 381 16.05 -10.33 -22.82
CA ASP B 381 17.48 -10.06 -22.81
C ASP B 381 17.81 -8.59 -22.95
N GLY B 382 16.82 -7.70 -22.95
CA GLY B 382 17.07 -6.28 -23.12
C GLY B 382 17.44 -5.82 -24.52
N VAL B 383 17.55 -6.72 -25.50
CA VAL B 383 17.90 -6.35 -26.87
C VAL B 383 16.85 -6.82 -27.87
N THR B 384 16.48 -8.09 -27.79
CA THR B 384 15.38 -8.61 -28.60
C THR B 384 14.12 -7.81 -28.32
N GLN B 385 13.43 -7.38 -29.37
CA GLN B 385 12.20 -6.62 -29.19
C GLN B 385 11.02 -7.44 -29.72
N GLY B 386 9.84 -7.16 -29.19
CA GLY B 386 8.65 -7.88 -29.56
C GLY B 386 7.40 -7.14 -29.14
N ASP B 387 6.26 -7.79 -29.30
CA ASP B 387 4.99 -7.20 -28.90
C ASP B 387 4.78 -7.37 -27.39
N LEU B 388 4.54 -6.27 -26.70
CA LEU B 388 4.45 -6.28 -25.24
C LEU B 388 3.06 -6.74 -24.79
N MET B 389 3.03 -7.74 -23.91
CA MET B 389 1.81 -8.29 -23.34
C MET B 389 1.82 -8.05 -21.83
N VAL B 390 0.63 -7.95 -21.23
CA VAL B 390 0.49 -7.67 -19.80
C VAL B 390 -0.70 -8.42 -19.24
N ARG B 391 -0.71 -8.57 -17.91
CA ARG B 391 -1.82 -9.14 -17.12
C ARG B 391 -1.61 -8.79 -15.65
N GLY B 392 -2.70 -8.78 -14.90
CA GLY B 392 -2.63 -8.46 -13.49
C GLY B 392 -3.98 -8.05 -12.93
N HIS B 393 -3.96 -7.69 -11.65
CA HIS B 393 -5.17 -7.31 -10.91
C HIS B 393 -5.83 -6.04 -11.43
N TRP B 394 -5.14 -5.20 -12.20
CA TRP B 394 -5.79 -4.01 -12.72
C TRP B 394 -5.62 -3.90 -14.24
N VAL B 395 -5.53 -5.04 -14.93
CA VAL B 395 -5.51 -5.09 -16.39
C VAL B 395 -6.89 -5.51 -16.89
N LEU B 396 -7.34 -4.87 -17.97
CA LEU B 396 -8.62 -5.18 -18.60
C LEU B 396 -8.70 -6.64 -19.06
N ASP B 397 -9.89 -7.22 -18.95
CA ASP B 397 -10.21 -8.52 -19.53
C ASP B 397 -10.92 -8.40 -20.87
N SER B 398 -11.87 -7.49 -21.00
CA SER B 398 -12.63 -7.28 -22.23
C SER B 398 -13.17 -5.86 -22.22
N TYR B 399 -13.50 -5.34 -23.41
CA TYR B 399 -13.99 -3.96 -23.46
C TYR B 399 -15.50 -3.89 -23.23
N PHE B 400 -15.95 -2.68 -22.86
CA PHE B 400 -17.36 -2.47 -22.50
C PHE B 400 -18.27 -2.71 -23.70
N GLN B 401 -19.36 -3.45 -23.47
CA GLN B 401 -20.28 -3.89 -24.53
C GLN B 401 -19.56 -4.75 -25.58
N LEU B 402 -18.45 -5.41 -25.23
CA LEU B 402 -17.74 -6.28 -26.15
C LEU B 402 -17.17 -7.51 -25.44
N LYS B 403 -17.86 -8.01 -24.42
CA LYS B 403 -17.40 -9.17 -23.67
C LYS B 403 -17.42 -10.46 -24.50
N ASP B 404 -18.02 -10.42 -25.68
CA ASP B 404 -18.13 -11.61 -26.52
C ASP B 404 -16.75 -12.09 -26.98
N GLN B 405 -15.90 -11.17 -27.42
CA GLN B 405 -14.73 -11.43 -28.24
C GLN B 405 -13.67 -12.22 -27.47
N GLU B 406 -12.76 -12.83 -28.24
CA GLU B 406 -11.57 -13.47 -27.71
C GLU B 406 -10.38 -12.49 -27.74
N LEU B 407 -10.51 -11.41 -26.97
CA LEU B 407 -9.51 -10.35 -27.02
C LEU B 407 -8.14 -10.83 -26.55
N LEU B 408 -8.09 -11.57 -25.45
CA LEU B 408 -6.81 -11.96 -24.87
C LEU B 408 -6.18 -13.12 -25.65
N GLN B 409 -4.85 -13.14 -25.66
CA GLN B 409 -4.07 -14.26 -26.20
C GLN B 409 -3.49 -15.03 -25.04
N ASP B 410 -4.04 -16.22 -24.79
CA ASP B 410 -3.50 -17.09 -23.74
C ASP B 410 -3.59 -16.41 -22.38
N GLY B 411 -4.61 -15.57 -22.17
CA GLY B 411 -4.80 -14.84 -20.94
C GLY B 411 -4.01 -13.57 -20.79
N TRP B 412 -3.28 -13.16 -21.82
CA TRP B 412 -2.52 -11.91 -21.82
C TRP B 412 -3.16 -10.87 -22.73
N PHE B 413 -3.04 -9.60 -22.35
CA PHE B 413 -3.56 -8.49 -23.13
C PHE B 413 -2.44 -7.89 -23.98
N ALA B 414 -2.69 -7.73 -25.27
CA ALA B 414 -1.68 -7.17 -26.16
C ALA B 414 -1.75 -5.64 -26.11
N THR B 415 -0.65 -5.01 -25.70
CA THR B 415 -0.65 -3.56 -25.55
C THR B 415 -0.66 -2.81 -26.88
N GLY B 416 -0.13 -3.40 -27.95
CA GLY B 416 0.10 -2.66 -29.17
C GLY B 416 1.42 -1.93 -29.22
N ASP B 417 2.22 -2.00 -28.14
CA ASP B 417 3.54 -1.41 -28.08
C ASP B 417 4.59 -2.47 -28.39
N VAL B 418 5.70 -2.02 -28.99
CA VAL B 418 6.87 -2.84 -29.28
C VAL B 418 7.95 -2.45 -28.27
N ALA B 419 8.55 -3.45 -27.62
CA ALA B 419 9.42 -3.20 -26.48
C ALA B 419 10.48 -4.27 -26.33
N THR B 420 11.53 -3.91 -25.59
CA THR B 420 12.49 -4.83 -25.05
C THR B 420 12.25 -4.97 -23.55
N LEU B 421 12.68 -6.10 -23.00
CA LEU B 421 12.64 -6.38 -21.57
C LEU B 421 14.00 -6.93 -21.17
N ASP B 422 14.60 -6.40 -20.10
CA ASP B 422 15.90 -6.91 -19.67
C ASP B 422 15.73 -7.89 -18.51
N PRO B 423 16.81 -8.58 -18.10
CA PRO B 423 16.65 -9.59 -17.03
C PRO B 423 16.18 -9.00 -15.70
N ASP B 424 16.37 -7.71 -15.46
CA ASP B 424 15.86 -7.08 -14.23
C ASP B 424 14.44 -6.56 -14.38
N GLY B 425 13.79 -6.79 -15.52
CA GLY B 425 12.43 -6.39 -15.73
C GLY B 425 12.21 -4.95 -16.12
N TYR B 426 13.27 -4.23 -16.51
CA TYR B 426 13.09 -2.87 -17.05
C TYR B 426 12.60 -2.93 -18.49
N MET B 427 11.56 -2.17 -18.79
CA MET B 427 10.97 -2.16 -20.12
C MET B 427 11.43 -0.92 -20.87
N THR B 428 11.70 -1.08 -22.17
CA THR B 428 12.05 0.04 -23.04
C THR B 428 11.10 0.03 -24.23
N ILE B 429 10.40 1.14 -24.43
CA ILE B 429 9.52 1.26 -25.58
C ILE B 429 10.38 1.47 -26.82
N ARG B 430 10.14 0.64 -27.83
CA ARG B 430 10.67 0.92 -29.16
C ARG B 430 9.71 1.83 -29.93
N ASP B 431 8.45 1.45 -30.01
CA ASP B 431 7.45 2.33 -30.63
C ASP B 431 6.07 1.74 -30.42
N ARG B 432 5.06 2.59 -30.60
CA ARG B 432 3.74 2.07 -30.95
C ARG B 432 3.87 1.33 -32.27
N SER B 433 3.22 0.17 -32.37
CA SER B 433 3.38 -0.56 -33.63
C SER B 433 2.69 0.15 -34.79
N LYS B 434 1.74 1.05 -34.52
CA LYS B 434 1.20 1.90 -35.57
C LYS B 434 2.15 3.02 -35.98
N ASP B 435 3.20 3.31 -35.20
CA ASP B 435 4.14 4.39 -35.53
C ASP B 435 5.51 3.89 -35.98
N ILE B 436 5.83 2.61 -35.78
CA ILE B 436 7.18 2.14 -36.05
C ILE B 436 7.44 2.19 -37.55
N ILE B 437 8.70 2.49 -37.90
CA ILE B 437 9.10 2.80 -39.27
C ILE B 437 9.79 1.57 -39.87
N LYS B 438 9.41 1.19 -41.08
CA LYS B 438 10.11 0.08 -41.73
C LYS B 438 10.81 0.61 -42.98
N SER B 439 12.14 0.57 -42.94
CA SER B 439 12.99 1.10 -43.99
C SER B 439 13.99 0.03 -44.40
N GLY B 440 14.09 -0.24 -45.70
CA GLY B 440 15.06 -1.20 -46.21
C GLY B 440 15.04 -2.58 -45.55
N GLY B 441 13.88 -3.03 -45.10
CA GLY B 441 13.74 -4.35 -44.50
C GLY B 441 14.00 -4.46 -43.01
N GLU B 442 14.28 -3.36 -42.31
CA GLU B 442 14.55 -3.41 -40.88
C GLU B 442 13.83 -2.27 -40.16
N TRP B 443 13.39 -2.55 -38.94
CA TRP B 443 12.59 -1.60 -38.16
C TRP B 443 13.44 -0.45 -37.63
N ILE B 444 12.82 0.74 -37.54
CA ILE B 444 13.43 1.92 -36.91
C ILE B 444 12.49 2.49 -35.86
N SER B 445 13.03 2.82 -34.69
CA SER B 445 12.27 3.46 -33.61
C SER B 445 12.15 4.96 -33.87
N SER B 446 10.93 5.44 -34.05
CA SER B 446 10.77 6.89 -34.15
C SER B 446 10.91 7.53 -32.78
N VAL B 447 10.56 6.80 -31.71
CA VAL B 447 10.70 7.35 -30.37
C VAL B 447 12.17 7.63 -30.07
N GLU B 448 13.03 6.68 -30.40
CA GLU B 448 14.47 6.86 -30.17
C GLU B 448 15.00 8.07 -30.94
N LEU B 449 14.67 8.18 -32.23
CA LEU B 449 15.17 9.27 -33.06
C LEU B 449 14.70 10.63 -32.55
N GLU B 450 13.40 10.78 -32.31
CA GLU B 450 12.89 12.09 -31.94
C GLU B 450 13.43 12.55 -30.58
N ASN B 451 13.63 11.64 -29.64
CA ASN B 451 14.16 12.07 -28.36
C ASN B 451 15.68 12.22 -28.36
N ILE B 452 16.37 11.71 -29.38
CA ILE B 452 17.72 12.21 -29.66
C ILE B 452 17.66 13.66 -30.11
N ALA B 453 16.75 13.97 -31.05
CA ALA B 453 16.66 15.33 -31.57
C ALA B 453 16.22 16.33 -30.49
N VAL B 454 15.30 15.94 -29.60
CA VAL B 454 14.80 16.86 -28.57
C VAL B 454 15.96 17.39 -27.73
N ALA B 455 17.02 16.61 -27.57
CA ALA B 455 18.14 16.99 -26.70
C ALA B 455 18.95 18.16 -27.24
N HIS B 456 18.82 18.50 -28.52
CA HIS B 456 19.62 19.60 -29.06
C HIS B 456 19.12 20.93 -28.49
N PRO B 457 20.00 21.75 -27.90
CA PRO B 457 19.52 22.98 -27.23
C PRO B 457 18.78 23.95 -28.15
N LYS B 458 18.94 23.84 -29.47
CA LYS B 458 18.29 24.76 -30.40
C LYS B 458 16.88 24.36 -30.78
N LEU B 459 16.40 23.18 -30.37
CA LEU B 459 15.03 22.76 -30.60
C LEU B 459 14.25 22.71 -29.29
N ALA B 460 13.04 23.27 -29.33
CA ALA B 460 12.15 23.11 -28.19
C ALA B 460 11.54 21.71 -28.13
N THR B 461 11.24 21.11 -29.28
CA THR B 461 10.66 19.77 -29.35
C THR B 461 10.75 19.28 -30.79
N ALA B 462 10.43 18.00 -30.98
CA ALA B 462 10.54 17.38 -32.30
C ALA B 462 9.81 16.05 -32.28
N ALA B 463 9.44 15.58 -33.46
CA ALA B 463 8.90 14.25 -33.63
C ALA B 463 9.41 13.69 -34.95
N VAL B 464 9.53 12.36 -35.03
CA VAL B 464 9.97 11.66 -36.23
C VAL B 464 8.84 10.76 -36.71
N ILE B 465 8.59 10.78 -38.02
CA ILE B 465 7.57 9.94 -38.65
C ILE B 465 8.18 9.30 -39.90
N GLY B 466 7.57 8.20 -40.33
CA GLY B 466 7.94 7.58 -41.59
C GLY B 466 7.14 8.18 -42.74
N VAL B 467 7.82 8.40 -43.87
CA VAL B 467 7.21 8.93 -45.09
C VAL B 467 7.63 8.07 -46.27
N PRO B 468 6.79 7.94 -47.31
CA PRO B 468 7.13 7.04 -48.42
C PRO B 468 8.40 7.43 -49.13
N HIS B 469 9.08 6.42 -49.69
CA HIS B 469 10.28 6.63 -50.50
C HIS B 469 10.28 5.49 -51.51
N PRO B 470 10.54 5.77 -52.79
CA PRO B 470 10.40 4.72 -53.83
C PRO B 470 11.33 3.55 -53.65
N LYS B 471 12.50 3.77 -53.03
CA LYS B 471 13.47 2.69 -52.92
C LYS B 471 13.35 1.92 -51.61
N TRP B 472 13.09 2.61 -50.50
CA TRP B 472 13.16 2.03 -49.16
C TRP B 472 11.80 1.81 -48.50
N ASP B 473 10.69 2.00 -49.23
CA ASP B 473 9.33 1.94 -48.69
C ASP B 473 9.03 3.13 -47.78
N GLU B 474 9.74 3.23 -46.66
CA GLU B 474 9.59 4.32 -45.70
C GLU B 474 10.98 4.84 -45.31
N ARG B 475 11.06 6.14 -45.02
CA ARG B 475 12.26 6.74 -44.47
C ARG B 475 11.87 7.69 -43.35
N PRO B 476 12.76 7.92 -42.38
CA PRO B 476 12.43 8.82 -41.25
C PRO B 476 12.55 10.29 -41.64
N LEU B 477 11.55 11.08 -41.24
CA LEU B 477 11.55 12.52 -41.40
C LEU B 477 11.54 13.17 -40.03
N LEU B 478 12.40 14.16 -39.82
CA LEU B 478 12.45 14.90 -38.57
C LEU B 478 11.62 16.18 -38.69
N VAL B 479 10.58 16.30 -37.86
CA VAL B 479 9.73 17.47 -37.79
C VAL B 479 10.09 18.23 -36.52
N ALA B 480 10.62 19.44 -36.68
CA ALA B 480 11.35 20.12 -35.60
C ALA B 480 10.74 21.47 -35.28
N VAL B 481 10.68 21.79 -33.99
CA VAL B 481 10.22 23.11 -33.53
C VAL B 481 11.44 23.85 -32.96
N LYS B 482 11.75 25.00 -33.54
CA LYS B 482 12.93 25.77 -33.12
C LYS B 482 12.70 26.39 -31.75
N ALA B 483 13.75 26.38 -30.92
CA ALA B 483 13.67 27.03 -29.62
C ALA B 483 13.51 28.55 -29.78
N GLU B 484 12.97 29.17 -28.71
CA GLU B 484 12.37 30.50 -28.79
C GLU B 484 13.28 31.54 -29.46
N GLY B 485 14.53 31.62 -29.03
CA GLY B 485 15.43 32.59 -29.59
C GLY B 485 16.36 32.06 -30.67
N GLU B 486 16.20 30.82 -31.09
CA GLU B 486 17.20 30.10 -31.87
C GLU B 486 16.82 29.95 -33.33
N ASP B 487 17.82 29.67 -34.16
CA ASP B 487 17.62 29.41 -35.59
C ASP B 487 18.59 28.32 -36.05
N PRO B 488 18.33 27.07 -35.67
CA PRO B 488 19.21 25.98 -36.09
C PRO B 488 19.11 25.71 -37.58
N SER B 489 20.24 25.35 -38.18
CA SER B 489 20.26 24.92 -39.56
C SER B 489 19.89 23.44 -39.65
N GLU B 490 19.38 23.03 -40.82
CA GLU B 490 19.04 21.62 -41.02
C GLU B 490 20.25 20.72 -40.85
N ALA B 491 21.40 21.11 -41.40
CA ALA B 491 22.56 20.23 -41.40
C ALA B 491 23.08 19.99 -39.99
N GLU B 492 23.15 21.04 -39.16
CA GLU B 492 23.66 20.89 -37.81
C GLU B 492 22.74 20.01 -36.96
N LEU B 493 21.47 19.86 -37.35
CA LEU B 493 20.56 18.99 -36.61
C LEU B 493 20.78 17.52 -36.96
N LEU B 494 21.00 17.21 -38.24
CA LEU B 494 21.26 15.83 -38.63
C LEU B 494 22.63 15.34 -38.16
N GLU B 495 23.60 16.26 -38.02
CA GLU B 495 24.92 15.86 -37.52
C GLU B 495 24.86 15.49 -36.04
N PHE B 496 23.93 16.09 -35.29
CA PHE B 496 23.73 15.76 -33.88
C PHE B 496 23.43 14.27 -33.67
N PHE B 497 23.01 13.56 -34.71
CA PHE B 497 22.75 12.12 -34.62
C PHE B 497 24.00 11.26 -34.72
N ASP B 498 25.12 11.84 -35.17
CA ASP B 498 26.27 11.03 -35.56
C ASP B 498 26.86 10.29 -34.36
N GLY B 499 26.94 8.95 -34.49
CA GLY B 499 27.45 8.13 -33.41
C GLY B 499 26.47 7.85 -32.29
N LYS B 500 25.22 8.28 -32.41
CA LYS B 500 24.19 7.92 -31.44
C LYS B 500 23.27 6.81 -31.95
N ILE B 501 23.35 6.50 -33.24
CA ILE B 501 22.43 5.59 -33.89
C ILE B 501 23.12 5.14 -35.17
N ALA B 502 22.72 3.99 -35.71
CA ALA B 502 23.30 3.52 -36.96
C ALA B 502 23.11 4.57 -38.07
N LYS B 503 24.11 4.66 -38.97
CA LYS B 503 24.13 5.72 -39.98
C LYS B 503 22.92 5.67 -40.89
N TRP B 504 22.45 4.48 -41.23
CA TRP B 504 21.31 4.35 -42.11
C TRP B 504 19.99 4.76 -41.46
N GLN B 505 19.95 4.92 -40.13
CA GLN B 505 18.71 5.27 -39.45
C GLN B 505 18.54 6.77 -39.25
N VAL B 506 19.57 7.57 -39.51
CA VAL B 506 19.48 9.01 -39.33
C VAL B 506 18.42 9.58 -40.27
N PRO B 507 17.51 10.43 -39.78
CA PRO B 507 16.53 11.06 -40.68
C PRO B 507 17.20 11.68 -41.90
N ASP B 508 16.52 11.56 -43.05
CA ASP B 508 17.08 12.06 -44.31
C ASP B 508 16.87 13.55 -44.50
N LYS B 509 15.92 14.16 -43.79
CA LYS B 509 15.55 15.53 -44.02
C LYS B 509 14.89 16.09 -42.76
N VAL B 510 15.02 17.41 -42.57
CA VAL B 510 14.39 18.14 -41.48
C VAL B 510 13.43 19.16 -42.08
N VAL B 511 12.21 19.19 -41.54
CA VAL B 511 11.24 20.23 -41.86
C VAL B 511 10.86 20.94 -40.56
N PHE B 512 10.77 22.26 -40.61
CA PHE B 512 10.43 23.06 -39.45
C PHE B 512 8.94 23.41 -39.44
N VAL B 513 8.35 23.41 -38.25
CA VAL B 513 6.99 23.88 -38.02
C VAL B 513 6.99 24.72 -36.75
N ASP B 514 5.96 25.54 -36.62
CA ASP B 514 5.88 26.40 -35.45
C ASP B 514 5.29 25.69 -34.23
N ALA B 515 4.56 24.59 -34.44
CA ALA B 515 4.16 23.73 -33.33
C ALA B 515 3.76 22.37 -33.86
N LEU B 516 3.97 21.34 -33.03
CA LEU B 516 3.52 19.99 -33.35
C LEU B 516 2.02 19.86 -33.10
N PRO B 517 1.31 19.18 -33.99
CA PRO B 517 -0.09 18.83 -33.72
C PRO B 517 -0.17 17.82 -32.58
N LEU B 518 -1.08 18.07 -31.64
CA LEU B 518 -1.23 17.21 -30.48
C LEU B 518 -2.65 16.65 -30.43
N ASN B 519 -2.77 15.42 -29.94
CA ASN B 519 -4.07 14.77 -29.80
C ASN B 519 -4.75 15.24 -28.51
N ALA B 520 -5.89 14.63 -28.18
CA ALA B 520 -6.67 15.07 -27.04
C ALA B 520 -6.03 14.73 -25.69
N THR B 521 -4.89 14.03 -25.63
CA THR B 521 -4.22 13.76 -24.36
C THR B 521 -2.80 14.28 -24.31
N GLY B 522 -2.44 15.26 -25.13
CA GLY B 522 -1.14 15.86 -25.06
C GLY B 522 0.00 15.13 -25.76
N ALA B 523 -0.27 14.03 -26.45
CA ALA B 523 0.74 13.34 -27.25
C ALA B 523 0.68 13.77 -28.72
N VAL B 524 1.75 13.47 -29.47
CA VAL B 524 1.89 14.00 -30.83
C VAL B 524 0.99 13.23 -31.78
N LEU B 525 0.25 13.97 -32.61
CA LEU B 525 -0.63 13.37 -33.62
C LEU B 525 0.20 13.01 -34.85
N LYS B 526 0.95 11.90 -34.75
CA LYS B 526 1.87 11.52 -35.81
C LYS B 526 1.14 11.13 -37.11
N ARG B 527 -0.12 10.66 -37.02
CA ARG B 527 -0.88 10.35 -38.24
C ARG B 527 -1.15 11.61 -39.06
N LYS B 528 -1.44 12.73 -38.39
CA LYS B 528 -1.62 13.98 -39.11
C LYS B 528 -0.31 14.45 -39.75
N LEU B 529 0.81 14.28 -39.05
CA LEU B 529 2.11 14.66 -39.61
C LEU B 529 2.48 13.77 -40.80
N ARG B 530 2.10 12.49 -40.76
CA ARG B 530 2.39 11.61 -41.89
C ARG B 530 1.57 12.00 -43.11
N ASP B 531 0.30 12.35 -42.93
CA ASP B 531 -0.49 12.80 -44.07
C ASP B 531 0.06 14.13 -44.60
N GLU B 532 0.34 15.08 -43.71
CA GLU B 532 0.75 16.41 -44.16
C GLU B 532 2.10 16.40 -44.88
N PHE B 533 2.96 15.42 -44.58
CA PHE B 533 4.31 15.39 -45.14
C PHE B 533 4.55 14.15 -46.02
N LYS B 534 3.52 13.53 -46.52
CA LYS B 534 3.67 12.33 -47.31
C LYS B 534 4.53 12.47 -48.55
N ASP B 535 4.84 13.69 -48.89
CA ASP B 535 5.61 13.97 -50.06
C ASP B 535 6.90 14.62 -49.82
N ALA B 536 7.33 14.70 -48.57
CA ALA B 536 8.58 15.38 -48.29
C ALA B 536 9.79 14.75 -48.96
N LEU B 537 9.70 13.49 -49.33
CA LEU B 537 10.80 12.82 -49.96
C LEU B 537 10.49 12.29 -51.36
N THR B 538 9.44 12.78 -51.99
CA THR B 538 9.09 12.31 -53.30
C THR B 538 8.94 13.51 -54.19
P AMP C . -3.61 5.94 -23.40
O1P AMP C . -3.11 6.71 -22.23
O2P AMP C . -4.49 4.73 -23.12
O3P AMP C . -4.32 6.86 -24.33
O5' AMP C . -2.31 5.43 -24.19
C5' AMP C . -1.49 4.38 -23.72
C4' AMP C . -0.25 4.29 -24.57
O4' AMP C . 0.58 5.45 -24.32
C3' AMP C . 0.71 3.13 -24.34
O3' AMP C . 0.26 1.88 -24.85
C2' AMP C . 1.99 3.65 -24.98
O2' AMP C . 1.94 3.52 -26.40
C1' AMP C . 1.92 5.15 -24.66
N9 AMP C . 2.77 5.47 -23.49
C8 AMP C . 2.35 5.61 -22.21
N7 AMP C . 3.43 5.88 -21.45
C5 AMP C . 4.51 5.92 -22.26
C6 AMP C . 5.86 6.15 -22.03
N6 AMP C . 6.33 6.43 -20.71
N1 AMP C . 6.70 6.09 -23.07
C2 AMP C . 6.29 5.83 -24.32
N3 AMP C . 5.00 5.60 -24.58
C4 AMP C . 4.09 5.64 -23.56
C1 B3P D . -1.42 22.97 -35.20
C2 B3P D . -1.65 22.44 -33.82
C3 B3P D . -0.10 22.76 -35.88
N1 B3P D . -0.23 22.64 -37.32
C4 B3P D . 1.02 22.76 -38.04
C5 B3P D . 1.79 23.99 -37.64
C6 B3P D . 1.83 21.53 -37.80
C7 B3P D . 0.69 22.84 -39.49
N2 B3P D . -1.04 23.20 -32.75
C8 B3P D . -1.71 23.15 -31.47
C9 B3P D . -1.51 21.84 -30.77
C10 B3P D . -1.14 24.24 -30.65
C11 B3P D . -3.17 23.45 -31.60
O1 B3P D . -2.08 20.67 -31.31
O2 B3P D . -1.02 25.47 -31.30
O3 B3P D . -3.80 23.79 -30.42
O4 B3P D . 1.25 25.21 -38.04
O5 B3P D . 1.26 20.34 -38.21
O6 B3P D . 1.74 22.98 -40.38
C1 A8C E . 1.47 7.06 -15.43
S A8C E . 1.88 6.14 -16.78
C2 A8C E . 1.12 6.39 -18.23
C3 A8C E . -0.34 6.40 -18.34
C A8C E . -0.94 6.36 -19.70
O1 A8C E . -0.29 6.73 -20.71
O A8C E . -2.13 5.97 -19.86
#